data_7MJL
#
_entry.id   7MJL
#
_cell.length_a   1.00
_cell.length_b   1.00
_cell.length_c   1.00
_cell.angle_alpha   90.00
_cell.angle_beta   90.00
_cell.angle_gamma   90.00
#
_symmetry.space_group_name_H-M   'P 1'
#
loop_
_entity.id
_entity.type
_entity.pdbx_description
1 polymer 'Spike glycoprotein'
2 polymer 'Fab ab1 Heavy Chain'
3 polymer 'Fab ab1 Light Chain'
4 non-polymer 2-acetamido-2-deoxy-beta-D-glucopyranose
#
loop_
_entity_poly.entity_id
_entity_poly.type
_entity_poly.pdbx_seq_one_letter_code
_entity_poly.pdbx_strand_id
1 'polypeptide(L)'
;MFVFLVLLPLVSSQCVNLTTRTQLPPAYTNSFTRGVYYPDKVFRSSVLHSTQDLFLPFFSNVTWFHAIHVSGTNGTKRFD
NPVLPFNDGVYFASTEKSNIIRGWIFGTTLDSKTQSLLIVNNATNVVIKVCEFQFCNDPFLGVYYHKNNKSWMESEFRVY
SSANNCTFEYVSQPFLMDLEGKQGNFKNLREFVFKNIDGYFKIYSKHTPINLVRDLPQGFSALEPLVDLPIGINITRFQT
LLALHRSYLTPGDSSSGWTAGAAAYYVGYLQPRTFLLKYNENGTITDAVDCALDPLSETKCTLKSFTVEKGIYQTSNFRV
QPTESIVRFPNITNLCPFGEVFNATRFASVYAWNRKRISNCVADYSVLYNSASFSTFKCYGVSPTKLNDLCFTNVYADSF
VIRGDEVRQIAPGQTGKIADYNYKLPDDFTGCVIAWNSNNLDSKVGGNYNYLYRLFRKSNLKPFERDISTEIYQAGSTPC
NGVEGFNCYFPLQSYGFQPTYGVGYQPYRVVVLSFELLHAPATVCGPKKSTNLVKNKCVNFNFNGLTGTGVLTESNKKFL
PFQQFGRDIADTTDAVRDPQTLEILDITPCSFGGVSVITPGTNTSNQVAVLYQDVNCTEVPVAIHADQLTPTWRVYSTGS
NVFQTRAGCLIGAEHVNNSYECDIPIGAGICASYQTQTNSPGSASSVASQSIIAYTMSLGAENSVAYSNNSIAIPTNFTI
SVTTEILPVSMTKTSVDCTMYICGDSTECSNLLLQYGSFCTQLNRALTGIAVEQDKNTQEVFAQVKQIYKTPPIKDFGGF
NFSQILPDPSKPSKRSPIEDLLFNKVTLADAGFIKQYGDCLGDIAARDLICAQKFNGLTVLPPLLTDEMIAQYTSALLAG
TITSGWTFGAGPALQIPFPMQMAYRFNGIGVTQNVLYENQKLIANQFNSAIGKIQDSLSSTPSALGKLQDVVNQNAQALN
TLVKQLSSNFGAISSVLNDILSRLDPPEAEVQIDRLITGRLQSLQTYVTQQLIRAAEIRASANLAATKMSECVLGQSKRV
DFCGKGYHLMSFPQSAPHGVVFLHVTYVPAQEKNFTTAPAICHDGKAHFPREGVFVSNGTHWFVTQRNFYEPQIITTDNT
FVSGNCDVVIGIVNNTVYDPLQPELDSFKEELDKYFKNHTSPDVDLGDISGINASVVNIQKEIDRLNEVAKNLNESLIDL
QELGKYEQGSGYIPEAPRDGQAYVRKDGEWVLLSTFLGRSLEVLFQGPGHHHHHHHHSAWSHPQFEKGGGSGGGGSGGSA
WSHPQFEK
;
A
2 'polypeptide(L)'
;EVQLVESGGGLVQPGGSLRLSCAASGFTVSSNYMSWVRQAPGKGLEWVSVIYSGGSTYYADSVKGRFTISRHNSKNTLYL
QMNSLRAEDTAVYYCARGYGDYYFDYWGQGTLVTVSSASTKGPSVFPLAPSSKSTSGGTAALGCLVKDYFPEPVTVSWNS
GALTSGVHTFPAVLQSSGLYSLSSVVTVPSSSLGTQTYICNVNHKPSNTKVDKKVEPKSCDKTSGQAGHHHHHHGDYKDD
DDKG
;
H
3 'polypeptide(L)'
;DVVMTQSPATLSLSPGEKATLSCRASQSVSSYLAWYQQKPGQPPKLLIYWASTRESGVPDRFSGSGSGTDFTLTISSLQA
EDVAVYYCQQYGSSPLTFGGGTKVEIKRTVAAPSVFIFPPSDEQLKSGTASVVCLLNNFYPREAKVQWKVDNALQSGNSQ
ESVTEQDSKDSTYSLSSTLTLSKADYEKHKVYACEVTHQGLSSPVTKSFNRGEC
;
L
#
# COMPACT_ATOMS: atom_id res chain seq x y z
N ILE A 332 61.01 6.68 17.67
CA ILE A 332 59.57 6.68 17.45
C ILE A 332 58.83 6.86 18.79
N THR A 333 58.05 7.93 18.89
CA THR A 333 57.49 8.38 20.15
C THR A 333 56.14 9.01 19.85
N ASN A 334 55.23 8.98 20.84
CA ASN A 334 53.95 9.67 20.82
C ASN A 334 53.05 9.19 19.68
N LEU A 335 52.66 7.92 19.78
CA LEU A 335 51.71 7.36 18.83
C LEU A 335 50.33 7.99 19.03
N CYS A 336 49.57 8.09 17.95
CA CYS A 336 48.24 8.70 18.00
C CYS A 336 47.28 7.83 18.81
N PRO A 337 46.38 8.45 19.57
CA PRO A 337 45.47 7.66 20.43
C PRO A 337 44.28 7.08 19.67
N PHE A 338 44.57 6.13 18.77
CA PHE A 338 43.49 5.40 18.12
C PHE A 338 42.82 4.42 19.06
N GLY A 339 43.50 4.01 20.13
CA GLY A 339 42.87 3.13 21.11
C GLY A 339 41.77 3.82 21.89
N GLU A 340 41.88 5.14 22.04
CA GLU A 340 40.84 5.90 22.72
C GLU A 340 39.66 6.20 21.81
N VAL A 341 39.75 5.88 20.53
CA VAL A 341 38.67 6.10 19.57
C VAL A 341 38.01 4.79 19.18
N PHE A 342 38.80 3.81 18.73
CA PHE A 342 38.26 2.54 18.27
C PHE A 342 37.81 1.67 19.43
N ASN A 343 38.58 1.63 20.51
CA ASN A 343 38.25 0.81 21.67
C ASN A 343 37.54 1.61 22.76
N ALA A 344 36.75 2.61 22.37
CA ALA A 344 36.03 3.40 23.35
C ALA A 344 34.91 2.58 23.98
N THR A 345 34.65 2.84 25.26
CA THR A 345 33.63 2.09 25.98
C THR A 345 32.23 2.43 25.48
N ARG A 346 31.93 3.72 25.37
CA ARG A 346 30.61 4.19 24.97
C ARG A 346 30.75 5.03 23.72
N PHE A 347 30.10 4.60 22.64
CA PHE A 347 30.08 5.37 21.41
C PHE A 347 28.88 6.32 21.41
N ALA A 348 28.85 7.19 20.42
CA ALA A 348 27.77 8.16 20.28
C ALA A 348 26.75 7.68 19.26
N SER A 349 25.59 8.32 19.27
CA SER A 349 24.58 8.05 18.25
C SER A 349 24.89 8.84 16.99
N VAL A 350 24.23 8.47 15.90
CA VAL A 350 24.60 9.01 14.60
C VAL A 350 24.08 10.44 14.42
N TYR A 351 23.04 10.83 15.16
CA TYR A 351 22.61 12.22 15.08
C TYR A 351 23.51 13.15 15.86
N ALA A 352 24.29 12.63 16.81
CA ALA A 352 25.22 13.41 17.61
C ALA A 352 26.60 12.77 17.56
N TRP A 353 27.10 12.50 16.37
CA TRP A 353 28.33 11.74 16.17
C TRP A 353 29.54 12.45 16.74
N ASN A 354 30.42 11.69 17.38
CA ASN A 354 31.57 12.31 18.02
C ASN A 354 32.67 12.58 17.00
N ARG A 355 33.39 13.67 17.21
CA ARG A 355 34.51 14.04 16.36
C ARG A 355 35.73 14.28 17.21
N LYS A 356 36.80 13.56 16.91
CA LYS A 356 38.07 13.69 17.62
C LYS A 356 39.13 14.16 16.63
N ARG A 357 39.85 15.22 16.99
CA ARG A 357 40.86 15.81 16.11
C ARG A 357 42.20 15.15 16.41
N ILE A 358 42.53 14.12 15.63
CA ILE A 358 43.81 13.44 15.76
C ILE A 358 44.88 14.32 15.13
N SER A 359 45.78 14.85 15.95
CA SER A 359 46.83 15.75 15.48
C SER A 359 47.99 15.71 16.45
N ASN A 360 49.14 16.21 15.97
CA ASN A 360 50.39 16.36 16.72
C ASN A 360 50.87 15.02 17.28
N CYS A 361 50.83 14.01 16.41
CA CYS A 361 51.21 12.65 16.77
C CYS A 361 51.53 11.89 15.48
N VAL A 362 52.04 10.69 15.64
CA VAL A 362 52.36 9.81 14.52
C VAL A 362 51.42 8.60 14.58
N ALA A 363 50.87 8.23 13.42
CA ALA A 363 49.79 7.27 13.35
C ALA A 363 50.25 6.03 12.58
N ASP A 364 50.12 4.87 13.20
CA ASP A 364 50.38 3.59 12.53
C ASP A 364 49.04 3.10 12.00
N TYR A 365 48.76 3.38 10.73
CA TYR A 365 47.50 2.93 10.14
C TYR A 365 47.47 1.45 9.85
N SER A 366 48.63 0.82 9.67
CA SER A 366 48.68 -0.59 9.31
C SER A 366 48.37 -1.53 10.47
N VAL A 367 48.25 -1.01 11.71
CA VAL A 367 47.69 -1.83 12.78
C VAL A 367 46.18 -1.81 12.76
N LEU A 368 45.58 -0.96 11.92
CA LEU A 368 44.14 -1.01 11.66
C LEU A 368 43.81 -1.87 10.45
N TYR A 369 44.59 -1.73 9.38
CA TYR A 369 44.36 -2.50 8.16
C TYR A 369 44.66 -3.98 8.34
N ASN A 370 45.56 -4.34 9.26
CA ASN A 370 45.86 -5.73 9.54
C ASN A 370 45.08 -6.26 10.73
N SER A 371 44.13 -5.50 11.25
CA SER A 371 43.27 -5.97 12.32
C SER A 371 42.14 -6.80 11.73
N ALA A 372 41.94 -8.00 12.28
CA ALA A 372 40.93 -8.92 11.76
C ALA A 372 39.52 -8.56 12.17
N SER A 373 39.33 -7.60 13.08
CA SER A 373 38.02 -7.33 13.64
C SER A 373 37.12 -6.56 12.68
N PHE A 374 37.69 -5.73 11.82
CA PHE A 374 36.91 -4.79 11.04
C PHE A 374 36.24 -5.49 9.86
N SER A 375 34.91 -5.44 9.82
CA SER A 375 34.16 -6.05 8.73
C SER A 375 34.21 -5.20 7.46
N THR A 376 34.16 -3.88 7.61
CA THR A 376 34.14 -2.96 6.49
C THR A 376 35.32 -2.00 6.61
N PHE A 377 36.13 -1.90 5.55
CA PHE A 377 37.28 -1.01 5.54
C PHE A 377 37.40 -0.50 4.11
N LYS A 378 36.82 0.66 3.84
CA LYS A 378 36.83 1.23 2.50
C LYS A 378 37.50 2.60 2.53
N CYS A 379 38.64 2.71 1.85
CA CYS A 379 39.35 3.97 1.70
C CYS A 379 39.10 4.50 0.29
N TYR A 380 38.66 5.74 0.19
CA TYR A 380 38.16 6.28 -1.07
C TYR A 380 39.19 7.14 -1.78
N GLY A 381 39.66 8.20 -1.14
CA GLY A 381 40.59 9.08 -1.81
C GLY A 381 42.03 8.62 -1.83
N VAL A 382 42.35 7.58 -1.06
CA VAL A 382 43.74 7.19 -0.83
C VAL A 382 43.80 5.66 -0.80
N SER A 383 44.88 5.11 -1.35
CA SER A 383 45.12 3.67 -1.24
C SER A 383 45.37 3.30 0.22
N PRO A 384 44.94 2.11 0.66
CA PRO A 384 45.07 1.78 2.09
C PRO A 384 46.51 1.58 2.56
N THR A 385 47.33 0.91 1.76
CA THR A 385 48.70 0.63 2.20
C THR A 385 49.59 1.85 2.12
N LYS A 386 49.17 2.89 1.41
CA LYS A 386 49.96 4.11 1.27
C LYS A 386 49.75 5.08 2.43
N LEU A 387 48.95 4.71 3.43
CA LEU A 387 48.64 5.62 4.51
C LEU A 387 49.84 5.85 5.42
N ASN A 388 50.75 4.88 5.50
CA ASN A 388 51.94 5.03 6.32
C ASN A 388 52.97 5.98 5.73
N ASP A 389 52.83 6.37 4.46
CA ASP A 389 53.79 7.25 3.82
C ASP A 389 53.28 8.66 3.64
N LEU A 390 52.00 8.85 3.34
CA LEU A 390 51.47 10.20 3.18
C LEU A 390 51.33 10.87 4.53
N CYS A 391 51.60 12.17 4.56
CA CYS A 391 51.52 12.98 5.77
C CYS A 391 50.41 14.00 5.62
N PHE A 392 49.54 14.06 6.61
CA PHE A 392 48.42 14.98 6.64
C PHE A 392 48.56 15.88 7.86
N THR A 393 48.01 17.08 7.78
CA THR A 393 48.17 18.01 8.90
C THR A 393 47.26 17.65 10.06
N ASN A 394 46.10 17.02 9.80
CA ASN A 394 45.25 16.48 10.84
C ASN A 394 44.26 15.48 10.26
N VAL A 395 43.79 14.61 11.15
CA VAL A 395 42.78 13.61 10.84
C VAL A 395 41.59 13.91 11.74
N TYR A 396 40.39 13.80 11.19
CA TYR A 396 39.18 13.86 12.00
C TYR A 396 38.57 12.47 12.08
N ALA A 397 38.38 11.97 13.30
CA ALA A 397 37.77 10.67 13.53
C ALA A 397 36.35 10.90 14.00
N ASP A 398 35.38 10.53 13.17
CA ASP A 398 33.97 10.67 13.49
C ASP A 398 33.41 9.30 13.82
N SER A 399 32.94 9.13 15.04
CA SER A 399 32.49 7.84 15.55
C SER A 399 31.01 7.87 15.86
N PHE A 400 30.31 6.81 15.47
CA PHE A 400 28.90 6.64 15.76
C PHE A 400 28.51 5.17 15.63
N VAL A 401 27.24 4.88 15.91
CA VAL A 401 26.67 3.53 15.84
C VAL A 401 25.44 3.56 14.96
N ILE A 402 25.39 2.69 13.96
CA ILE A 402 24.26 2.59 13.05
C ILE A 402 23.84 1.13 12.92
N ARG A 403 22.88 0.88 12.03
CA ARG A 403 22.43 -0.48 11.76
C ARG A 403 23.37 -1.16 10.76
N GLY A 404 23.18 -2.47 10.62
CA GLY A 404 23.99 -3.23 9.68
C GLY A 404 23.68 -2.92 8.23
N ASP A 405 22.41 -2.76 7.90
CA ASP A 405 22.02 -2.47 6.51
C ASP A 405 22.29 -1.04 6.12
N GLU A 406 22.56 -0.17 7.08
CA GLU A 406 22.78 1.25 6.84
C GLU A 406 24.25 1.60 6.67
N VAL A 407 25.13 0.59 6.68
CA VAL A 407 26.57 0.82 6.52
C VAL A 407 26.89 1.32 5.12
N ARG A 408 26.17 0.83 4.11
CA ARG A 408 26.42 1.20 2.72
C ARG A 408 26.13 2.68 2.45
N GLN A 409 25.31 3.32 3.28
CA GLN A 409 25.06 4.74 3.12
C GLN A 409 26.21 5.61 3.59
N ILE A 410 27.15 5.07 4.35
CA ILE A 410 28.33 5.83 4.79
C ILE A 410 29.36 5.66 3.68
N ALA A 411 29.21 6.49 2.64
CA ALA A 411 30.02 6.47 1.43
C ALA A 411 29.77 7.77 0.69
N PRO A 412 30.68 8.23 -0.15
CA PRO A 412 30.42 9.44 -0.95
C PRO A 412 29.33 9.20 -1.97
N GLY A 413 28.35 10.10 -1.99
CA GLY A 413 27.32 10.08 -3.00
C GLY A 413 26.14 9.16 -2.72
N GLN A 414 26.18 8.40 -1.65
CA GLN A 414 25.02 7.57 -1.31
C GLN A 414 23.92 8.41 -0.67
N THR A 415 22.72 7.86 -0.68
CA THR A 415 21.55 8.56 -0.16
C THR A 415 20.76 7.61 0.70
N GLY A 416 20.23 8.13 1.81
CA GLY A 416 19.45 7.34 2.73
C GLY A 416 18.93 8.23 3.85
N LYS A 417 18.48 7.60 4.92
CA LYS A 417 18.14 8.36 6.11
C LYS A 417 19.39 8.94 6.76
N ILE A 418 20.43 8.11 6.89
CA ILE A 418 21.67 8.54 7.54
C ILE A 418 22.41 9.56 6.70
N ALA A 419 22.45 9.33 5.38
CA ALA A 419 23.16 10.25 4.49
C ALA A 419 22.48 11.60 4.42
N ASP A 420 21.15 11.62 4.42
CA ASP A 420 20.46 12.91 4.29
C ASP A 420 20.39 13.65 5.62
N TYR A 421 20.00 12.97 6.69
CA TYR A 421 19.61 13.67 7.90
C TYR A 421 20.53 13.44 9.09
N ASN A 422 21.50 12.53 8.99
CA ASN A 422 22.35 12.24 10.14
C ASN A 422 23.82 12.51 9.87
N TYR A 423 24.39 11.95 8.81
CA TYR A 423 25.83 12.07 8.58
C TYR A 423 26.07 12.02 7.08
N LYS A 424 26.46 13.15 6.49
CA LYS A 424 26.69 13.24 5.05
C LYS A 424 28.17 13.37 4.77
N LEU A 425 28.68 12.51 3.90
CA LEU A 425 30.04 12.59 3.37
C LEU A 425 30.05 13.39 2.08
N PRO A 426 31.08 14.18 1.82
CA PRO A 426 31.14 14.93 0.56
C PRO A 426 31.45 14.02 -0.61
N ASP A 427 31.22 14.56 -1.81
CA ASP A 427 31.50 13.80 -3.02
C ASP A 427 32.99 13.68 -3.27
N ASP A 428 33.78 14.66 -2.82
CA ASP A 428 35.22 14.64 -2.96
C ASP A 428 35.93 14.11 -1.71
N PHE A 429 35.30 13.16 -1.01
CA PHE A 429 35.78 12.70 0.28
C PHE A 429 37.05 11.87 0.13
N THR A 430 38.10 12.29 0.83
CA THR A 430 39.29 11.48 1.01
C THR A 430 39.33 11.01 2.46
N GLY A 431 39.61 9.73 2.65
CA GLY A 431 39.56 9.15 3.97
C GLY A 431 39.16 7.70 3.91
N CYS A 432 38.93 7.14 5.09
CA CYS A 432 38.64 5.72 5.23
C CYS A 432 37.44 5.53 6.14
N VAL A 433 36.46 4.75 5.69
CA VAL A 433 35.31 4.37 6.50
C VAL A 433 35.57 2.97 7.02
N ILE A 434 35.57 2.83 8.35
CA ILE A 434 35.79 1.56 9.01
C ILE A 434 34.54 1.24 9.84
N ALA A 435 34.03 0.04 9.71
CA ALA A 435 32.85 -0.37 10.44
C ALA A 435 33.00 -1.80 10.90
N TRP A 436 32.58 -2.07 12.12
CA TRP A 436 32.62 -3.45 12.62
C TRP A 436 31.39 -3.74 13.46
N ASN A 437 31.02 -5.01 13.49
CA ASN A 437 29.84 -5.46 14.21
C ASN A 437 30.10 -5.38 15.71
N SER A 438 29.21 -4.71 16.43
CA SER A 438 29.30 -4.59 17.87
C SER A 438 28.05 -5.12 18.55
N ASN A 439 27.57 -6.29 18.10
CA ASN A 439 26.38 -6.89 18.68
C ASN A 439 26.63 -7.39 20.11
N ASN A 440 27.87 -7.63 20.47
CA ASN A 440 28.16 -8.11 21.82
C ASN A 440 28.31 -6.97 22.83
N LEU A 441 28.26 -5.72 22.39
CA LEU A 441 28.40 -4.57 23.27
C LEU A 441 27.16 -3.69 23.31
N ASP A 442 26.67 -3.24 22.16
CA ASP A 442 25.59 -2.27 22.11
C ASP A 442 24.21 -2.88 22.09
N SER A 443 24.10 -4.20 22.21
CA SER A 443 22.80 -4.86 22.22
C SER A 443 22.44 -5.28 23.65
N LYS A 444 21.16 -5.21 23.96
CA LYS A 444 20.64 -5.53 25.27
C LYS A 444 19.42 -6.43 25.11
N VAL A 445 19.22 -7.33 26.07
CA VAL A 445 18.16 -8.33 25.98
C VAL A 445 16.78 -7.68 26.03
N GLY A 446 16.66 -6.55 26.73
CA GLY A 446 15.41 -5.83 26.76
C GLY A 446 15.37 -4.71 25.74
N GLY A 447 16.33 -4.70 24.82
CA GLY A 447 16.45 -3.63 23.86
C GLY A 447 17.28 -2.48 24.39
N ASN A 448 18.16 -1.96 23.57
CA ASN A 448 19.03 -0.85 23.94
C ASN A 448 18.57 0.40 23.20
N TYR A 449 17.79 1.23 23.88
CA TYR A 449 17.23 2.44 23.30
C TYR A 449 18.11 3.67 23.52
N ASN A 450 19.40 3.47 23.79
CA ASN A 450 20.30 4.60 23.99
C ASN A 450 20.83 5.18 22.68
N TYR A 451 20.55 4.54 21.55
CA TYR A 451 21.06 4.98 20.26
C TYR A 451 19.90 5.49 19.42
N LEU A 452 20.03 6.72 18.91
CA LEU A 452 18.98 7.38 18.18
C LEU A 452 19.48 7.78 16.80
N TYR A 453 18.54 8.07 15.92
CA TYR A 453 18.85 8.60 14.59
C TYR A 453 17.75 9.54 14.18
N ARG A 454 18.12 10.61 13.47
CA ARG A 454 17.16 11.60 13.04
C ARG A 454 16.36 11.05 11.85
N LEU A 455 15.04 11.13 11.95
CA LEU A 455 14.15 10.63 10.92
C LEU A 455 13.55 11.74 10.07
N PHE A 456 13.22 12.88 10.68
CA PHE A 456 12.54 13.97 10.00
C PHE A 456 13.45 15.18 9.96
N ARG A 457 13.59 15.78 8.78
CA ARG A 457 14.28 17.05 8.63
C ARG A 457 13.75 17.72 7.37
N LYS A 458 13.74 19.06 7.39
CA LYS A 458 13.21 19.81 6.25
C LYS A 458 14.10 19.71 5.03
N SER A 459 15.40 19.50 5.22
CA SER A 459 16.32 19.45 4.10
C SER A 459 17.49 18.55 4.45
N ASN A 460 18.20 18.10 3.42
CA ASN A 460 19.36 17.25 3.62
C ASN A 460 20.51 18.02 4.27
N LEU A 461 21.34 17.30 4.99
CA LEU A 461 22.50 17.91 5.63
C LEU A 461 23.56 18.24 4.59
N LYS A 462 24.30 19.32 4.83
CA LYS A 462 25.53 19.57 4.12
C LYS A 462 26.59 18.59 4.60
N PRO A 463 27.64 18.35 3.81
CA PRO A 463 28.69 17.41 4.25
C PRO A 463 29.42 17.89 5.50
N PHE A 464 29.59 16.96 6.44
CA PHE A 464 30.15 17.19 7.77
C PHE A 464 29.39 18.29 8.51
N GLU A 465 28.09 18.11 8.63
CA GLU A 465 27.25 19.01 9.41
C GLU A 465 26.64 18.24 10.57
N ARG A 466 26.66 18.87 11.74
CA ARG A 466 26.13 18.30 12.98
C ARG A 466 24.81 18.96 13.32
N ASP A 467 23.80 18.15 13.61
CA ASP A 467 22.47 18.68 13.93
C ASP A 467 21.99 17.90 15.16
N ILE A 468 22.14 18.50 16.34
CA ILE A 468 21.71 17.88 17.58
C ILE A 468 20.43 18.52 18.12
N SER A 469 19.73 19.30 17.30
CA SER A 469 18.52 19.95 17.76
C SER A 469 17.38 18.95 17.88
N THR A 470 16.69 18.97 19.02
CA THR A 470 15.60 18.04 19.30
C THR A 470 14.25 18.73 19.27
N GLU A 471 14.13 19.82 18.53
CA GLU A 471 12.86 20.55 18.47
C GLU A 471 11.82 19.75 17.70
N ILE A 472 10.55 20.08 17.95
CA ILE A 472 9.44 19.32 17.39
C ILE A 472 9.36 19.60 15.88
N TYR A 473 8.99 18.57 15.13
CA TYR A 473 8.97 18.67 13.67
C TYR A 473 7.58 19.09 13.21
N GLN A 474 7.50 20.23 12.53
CA GLN A 474 6.24 20.78 12.04
C GLN A 474 5.97 20.14 10.69
N ALA A 475 5.12 19.12 10.68
CA ALA A 475 4.85 18.37 9.45
C ALA A 475 3.57 18.80 8.76
N GLY A 476 2.68 19.51 9.44
CA GLY A 476 1.41 19.86 8.84
C GLY A 476 1.21 21.33 8.61
N SER A 477 2.16 22.15 9.10
CA SER A 477 2.15 23.61 9.02
C SER A 477 0.89 24.21 9.67
N THR A 478 0.33 23.50 10.64
CA THR A 478 -0.67 24.04 11.55
C THR A 478 0.07 24.88 12.58
N PRO A 479 -0.64 25.69 13.40
CA PRO A 479 0.07 26.37 14.50
C PRO A 479 0.58 25.45 15.62
N CYS A 480 1.54 24.58 15.27
CA CYS A 480 2.15 23.62 16.17
C CYS A 480 3.14 24.36 17.06
N ASN A 481 2.63 24.88 18.16
CA ASN A 481 3.40 25.78 19.00
C ASN A 481 4.30 25.04 20.00
N GLY A 482 5.11 24.09 19.52
CA GLY A 482 6.05 23.37 20.33
C GLY A 482 5.54 22.04 20.86
N VAL A 483 4.25 21.93 21.15
CA VAL A 483 3.67 20.75 21.77
C VAL A 483 3.59 19.61 20.76
N GLU A 484 3.97 18.40 21.19
CA GLU A 484 3.92 17.21 20.38
C GLU A 484 2.47 16.73 20.27
N GLY A 485 2.16 16.05 19.16
CA GLY A 485 0.84 15.49 18.96
C GLY A 485 0.60 15.04 17.54
N PHE A 486 -0.55 15.39 16.99
CA PHE A 486 -0.86 15.07 15.60
C PHE A 486 -0.13 16.02 14.67
N ASN A 487 0.50 15.46 13.63
CA ASN A 487 1.33 16.16 12.64
C ASN A 487 2.48 16.92 13.28
N CYS A 488 2.94 16.50 14.46
CA CYS A 488 4.07 17.12 15.15
C CYS A 488 4.88 15.97 15.75
N TYR A 489 5.87 15.51 15.00
CA TYR A 489 6.59 14.30 15.36
C TYR A 489 7.90 14.63 16.05
N PHE A 490 8.28 13.76 16.98
CA PHE A 490 9.61 13.85 17.56
C PHE A 490 10.62 13.40 16.52
N PRO A 491 11.67 14.17 16.23
CA PRO A 491 12.50 13.90 15.05
C PRO A 491 13.42 12.70 15.21
N LEU A 492 13.67 12.23 16.42
CA LEU A 492 14.63 11.17 16.67
C LEU A 492 13.92 9.86 16.93
N GLN A 493 14.28 8.83 16.17
CA GLN A 493 13.79 7.48 16.41
C GLN A 493 14.90 6.65 17.03
N SER A 494 14.53 5.74 17.92
CA SER A 494 15.50 4.93 18.63
C SER A 494 15.72 3.61 17.91
N TYR A 495 16.98 3.27 17.66
CA TYR A 495 17.31 1.93 17.23
C TYR A 495 17.06 0.96 18.37
N GLY A 496 16.12 0.03 18.19
CA GLY A 496 16.06 -1.11 19.08
C GLY A 496 17.22 -2.02 18.76
N PHE A 497 18.02 -2.38 19.76
CA PHE A 497 19.15 -3.28 19.57
C PHE A 497 19.02 -4.44 20.55
N GLN A 498 18.89 -5.65 20.03
CA GLN A 498 18.75 -6.87 20.81
C GLN A 498 19.70 -7.91 20.26
N PRO A 499 20.21 -8.81 21.11
CA PRO A 499 21.17 -9.83 20.63
C PRO A 499 20.57 -10.86 19.70
N THR A 500 19.26 -11.04 19.69
CA THR A 500 18.63 -12.04 18.85
C THR A 500 18.25 -11.51 17.48
N TYR A 501 18.61 -10.26 17.17
CA TYR A 501 18.28 -9.67 15.88
C TYR A 501 19.11 -10.29 14.77
N GLY A 502 18.62 -10.19 13.55
CA GLY A 502 19.37 -10.68 12.41
C GLY A 502 20.47 -9.73 12.01
N VAL A 503 21.30 -10.21 11.08
CA VAL A 503 22.35 -9.36 10.53
C VAL A 503 21.71 -8.29 9.65
N GLY A 504 22.14 -7.05 9.84
CA GLY A 504 21.49 -5.91 9.25
C GLY A 504 20.61 -5.13 10.19
N TYR A 505 20.24 -5.72 11.32
CA TYR A 505 19.61 -5.01 12.42
C TYR A 505 20.51 -4.92 13.64
N GLN A 506 21.61 -5.67 13.64
CA GLN A 506 22.58 -5.60 14.72
C GLN A 506 23.33 -4.28 14.67
N PRO A 507 23.79 -3.77 15.81
CA PRO A 507 24.54 -2.51 15.80
C PRO A 507 25.90 -2.66 15.17
N TYR A 508 26.31 -1.61 14.46
CA TYR A 508 27.61 -1.55 13.81
C TYR A 508 28.28 -0.25 14.22
N ARG A 509 29.47 -0.36 14.80
CA ARG A 509 30.24 0.83 15.14
C ARG A 509 31.01 1.29 13.93
N VAL A 510 30.87 2.57 13.59
CA VAL A 510 31.49 3.16 12.41
C VAL A 510 32.39 4.30 12.85
N VAL A 511 33.65 4.26 12.40
CA VAL A 511 34.60 5.33 12.56
C VAL A 511 35.00 5.80 11.15
N VAL A 512 34.83 7.08 10.90
CA VAL A 512 35.17 7.69 9.62
C VAL A 512 36.40 8.55 9.86
N LEU A 513 37.51 8.16 9.25
CA LEU A 513 38.74 8.94 9.32
C LEU A 513 38.82 9.83 8.10
N SER A 514 38.82 11.13 8.31
CA SER A 514 38.96 12.11 7.25
C SER A 514 40.31 12.77 7.38
N PHE A 515 41.23 12.44 6.49
CA PHE A 515 42.56 13.04 6.48
C PHE A 515 42.47 14.32 5.68
N GLU A 516 42.50 15.48 6.33
CA GLU A 516 42.38 16.70 5.54
C GLU A 516 43.63 17.54 5.70
N LEU A 517 44.08 18.12 4.58
CA LEU A 517 45.42 18.67 4.46
C LEU A 517 45.29 20.14 4.11
N LEU A 518 45.26 20.98 5.14
CA LEU A 518 45.42 22.41 4.99
C LEU A 518 46.89 22.74 4.79
N HIS A 519 47.16 23.96 4.35
CA HIS A 519 48.55 24.31 4.09
C HIS A 519 49.30 24.80 5.33
N ALA A 520 48.79 24.46 6.52
CA ALA A 520 49.57 24.51 7.73
C ALA A 520 50.63 23.42 7.70
N PRO A 521 51.70 23.54 8.49
CA PRO A 521 52.69 22.45 8.59
C PRO A 521 52.07 21.14 9.07
N ALA A 522 52.44 20.06 8.40
CA ALA A 522 51.86 18.77 8.70
C ALA A 522 52.48 18.16 9.95
N THR A 523 51.64 17.57 10.79
CA THR A 523 52.10 16.95 12.02
C THR A 523 51.72 15.49 12.19
N VAL A 524 50.91 14.92 11.30
CA VAL A 524 50.51 13.53 11.39
C VAL A 524 51.18 12.77 10.25
N CYS A 525 52.06 11.83 10.60
CA CYS A 525 52.77 11.02 9.63
C CYS A 525 52.76 9.58 10.10
N GLY A 526 53.21 8.68 9.23
CA GLY A 526 53.40 7.30 9.61
C GLY A 526 54.71 7.08 10.34
N PRO A 527 54.94 5.83 10.72
CA PRO A 527 56.23 5.47 11.32
C PRO A 527 57.36 5.58 10.29
N LYS A 528 58.56 5.89 10.77
CA LYS A 528 59.70 6.01 9.88
C LYS A 528 60.33 4.65 9.62
N GLU B 1 -9.85 15.57 8.61
CA GLU B 1 -9.02 16.76 8.48
C GLU B 1 -7.95 16.55 7.42
N VAL B 2 -7.38 15.35 7.40
CA VAL B 2 -6.40 15.01 6.38
C VAL B 2 -7.12 14.33 5.21
N GLN B 3 -7.00 14.92 4.02
CA GLN B 3 -7.56 14.30 2.83
C GLN B 3 -6.53 14.29 1.72
N LEU B 4 -6.58 13.25 0.89
CA LEU B 4 -5.70 13.12 -0.26
C LEU B 4 -6.58 12.81 -1.47
N VAL B 5 -6.59 13.72 -2.44
CA VAL B 5 -7.52 13.66 -3.57
C VAL B 5 -6.68 13.44 -4.82
N GLU B 6 -6.99 12.37 -5.55
CA GLU B 6 -6.16 12.04 -6.70
C GLU B 6 -6.88 12.36 -8.02
N SER B 7 -6.08 12.46 -9.07
CA SER B 7 -6.57 12.73 -10.41
C SER B 7 -5.51 12.27 -11.40
N GLY B 8 -5.90 12.19 -12.66
CA GLY B 8 -5.00 11.82 -13.72
C GLY B 8 -5.08 10.39 -14.19
N GLY B 9 -5.83 9.53 -13.49
CA GLY B 9 -5.97 8.16 -13.94
C GLY B 9 -6.86 8.06 -15.18
N GLY B 10 -6.56 7.06 -16.01
CA GLY B 10 -7.34 6.86 -17.22
C GLY B 10 -6.70 5.80 -18.08
N LEU B 11 -7.27 5.65 -19.27
CA LEU B 11 -6.75 4.69 -20.23
C LEU B 11 -5.56 5.28 -20.99
N VAL B 12 -4.53 4.46 -21.16
CA VAL B 12 -3.30 4.88 -21.83
C VAL B 12 -2.80 3.72 -22.68
N GLN B 13 -2.25 4.04 -23.84
CA GLN B 13 -1.68 3.02 -24.72
C GLN B 13 -0.39 2.49 -24.10
N PRO B 14 0.01 1.26 -24.44
CA PRO B 14 1.32 0.76 -24.00
C PRO B 14 2.46 1.57 -24.62
N GLY B 15 3.46 1.86 -23.79
CA GLY B 15 4.50 2.80 -24.15
C GLY B 15 4.14 4.25 -23.95
N GLY B 16 2.96 4.54 -23.43
CA GLY B 16 2.50 5.90 -23.26
C GLY B 16 2.97 6.50 -21.95
N SER B 17 2.46 7.69 -21.66
CA SER B 17 2.85 8.46 -20.50
C SER B 17 1.60 8.94 -19.77
N LEU B 18 1.71 9.05 -18.45
CA LEU B 18 0.56 9.47 -17.66
C LEU B 18 1.05 10.12 -16.37
N ARG B 19 0.42 11.21 -15.97
CA ARG B 19 0.89 12.04 -14.87
C ARG B 19 -0.17 12.09 -13.79
N LEU B 20 -0.02 11.25 -12.76
CA LEU B 20 -0.96 11.22 -11.66
C LEU B 20 -0.67 12.34 -10.68
N SER B 21 -1.74 12.96 -10.18
CA SER B 21 -1.62 14.06 -9.24
C SER B 21 -2.37 13.73 -7.97
N CYS B 22 -1.77 14.03 -6.83
CA CYS B 22 -2.36 13.82 -5.50
C CYS B 22 -2.29 15.16 -4.77
N ALA B 23 -3.42 15.84 -4.70
CA ALA B 23 -3.51 17.04 -3.88
C ALA B 23 -3.76 16.64 -2.43
N ALA B 24 -3.23 17.44 -1.51
CA ALA B 24 -3.29 17.11 -0.10
C ALA B 24 -3.93 18.25 0.68
N SER B 25 -4.64 17.88 1.74
CA SER B 25 -5.20 18.85 2.67
C SER B 25 -4.98 18.35 4.09
N GLY B 26 -4.59 19.27 4.97
CA GLY B 26 -4.29 18.93 6.34
C GLY B 26 -2.82 18.83 6.66
N PHE B 27 -1.95 18.70 5.65
CA PHE B 27 -0.52 18.68 5.87
C PHE B 27 0.18 19.17 4.60
N THR B 28 1.45 19.49 4.74
CA THR B 28 2.26 19.96 3.62
C THR B 28 3.09 18.80 3.10
N VAL B 29 3.03 18.56 1.78
CA VAL B 29 3.81 17.48 1.18
C VAL B 29 5.27 17.85 1.04
N SER B 30 5.62 19.12 1.20
CA SER B 30 7.01 19.54 1.11
C SER B 30 7.84 19.12 2.32
N SER B 31 7.19 18.70 3.41
CA SER B 31 7.90 18.31 4.63
C SER B 31 7.44 16.96 5.15
N ASN B 32 6.86 16.12 4.30
CA ASN B 32 6.38 14.81 4.73
C ASN B 32 6.85 13.74 3.75
N TYR B 33 6.92 12.52 4.25
CA TYR B 33 7.25 11.37 3.42
C TYR B 33 6.00 10.95 2.66
N MET B 34 6.09 10.84 1.34
CA MET B 34 4.96 10.44 0.54
C MET B 34 5.30 9.21 -0.27
N SER B 35 4.31 8.33 -0.45
CA SER B 35 4.51 7.12 -1.22
C SER B 35 3.40 6.97 -2.25
N TRP B 36 3.75 6.35 -3.37
CA TRP B 36 2.79 5.80 -4.30
C TRP B 36 2.84 4.29 -4.18
N VAL B 37 1.69 3.69 -3.91
CA VAL B 37 1.53 2.26 -3.75
C VAL B 37 0.43 1.79 -4.69
N ARG B 38 0.70 0.77 -5.49
CA ARG B 38 -0.27 0.29 -6.46
C ARG B 38 -0.80 -1.08 -6.05
N GLN B 39 -2.00 -1.37 -6.53
CA GLN B 39 -2.68 -2.63 -6.29
C GLN B 39 -3.21 -3.14 -7.61
N ALA B 40 -2.74 -4.30 -8.04
CA ALA B 40 -3.29 -4.93 -9.24
C ALA B 40 -4.73 -5.37 -8.96
N PRO B 41 -5.59 -5.38 -9.99
CA PRO B 41 -6.98 -5.79 -9.77
C PRO B 41 -7.08 -7.27 -9.44
N GLY B 42 -7.58 -7.56 -8.24
CA GLY B 42 -7.66 -8.92 -7.75
C GLY B 42 -6.42 -9.42 -7.05
N LYS B 43 -5.35 -8.63 -7.00
CA LYS B 43 -4.12 -9.02 -6.34
C LYS B 43 -3.81 -8.05 -5.19
N GLY B 44 -2.67 -8.27 -4.54
CA GLY B 44 -2.32 -7.53 -3.36
C GLY B 44 -1.63 -6.21 -3.65
N LEU B 45 -1.33 -5.48 -2.58
CA LEU B 45 -0.67 -4.19 -2.70
C LEU B 45 0.79 -4.36 -3.06
N GLU B 46 1.30 -3.39 -3.81
CA GLU B 46 2.71 -3.36 -4.18
C GLU B 46 3.22 -1.94 -4.08
N TRP B 47 4.30 -1.74 -3.33
CA TRP B 47 4.89 -0.43 -3.18
C TRP B 47 5.63 -0.03 -4.44
N VAL B 48 5.39 1.19 -4.91
CA VAL B 48 5.99 1.70 -6.14
C VAL B 48 7.10 2.68 -5.85
N SER B 49 6.80 3.79 -5.16
CA SER B 49 7.83 4.80 -5.01
C SER B 49 7.62 5.58 -3.72
N VAL B 50 8.69 6.23 -3.28
CA VAL B 50 8.66 7.07 -2.09
C VAL B 50 9.50 8.32 -2.34
N ILE B 51 9.03 9.44 -1.81
CA ILE B 51 9.81 10.67 -1.74
C ILE B 51 9.94 11.06 -0.27
N TYR B 52 11.15 11.42 0.14
CA TYR B 52 11.44 11.71 1.53
C TYR B 52 11.08 13.15 1.86
N SER B 53 11.32 13.53 3.12
CA SER B 53 11.10 14.91 3.51
C SER B 53 12.14 15.84 2.94
N GLY B 54 13.37 15.36 2.77
CA GLY B 54 14.42 16.17 2.18
C GLY B 54 14.47 16.18 0.68
N GLY B 55 13.71 15.32 0.02
CA GLY B 55 13.64 15.27 -1.43
C GLY B 55 14.24 14.03 -2.05
N SER B 56 14.72 13.08 -1.26
CA SER B 56 15.30 11.86 -1.81
C SER B 56 14.19 10.95 -2.32
N THR B 57 14.38 10.42 -3.52
CA THR B 57 13.37 9.61 -4.20
C THR B 57 13.87 8.20 -4.37
N TYR B 58 13.00 7.23 -4.12
CA TYR B 58 13.32 5.82 -4.31
C TYR B 58 12.18 5.11 -5.02
N TYR B 59 12.53 4.09 -5.78
CA TYR B 59 11.58 3.39 -6.64
C TYR B 59 11.77 1.90 -6.46
N ALA B 60 10.72 1.14 -6.76
CA ALA B 60 10.81 -0.30 -6.77
C ALA B 60 11.60 -0.77 -8.00
N ASP B 61 12.01 -2.04 -7.97
CA ASP B 61 12.86 -2.57 -9.03
C ASP B 61 12.10 -2.69 -10.35
N SER B 62 10.80 -2.99 -10.29
CA SER B 62 10.02 -3.14 -11.50
C SER B 62 9.69 -1.80 -12.16
N VAL B 63 9.82 -0.71 -11.42
CA VAL B 63 9.46 0.63 -11.92
C VAL B 63 10.65 1.56 -12.00
N LYS B 64 11.84 1.09 -11.65
CA LYS B 64 13.02 1.96 -11.65
C LYS B 64 13.45 2.27 -13.08
N GLY B 65 13.67 3.55 -13.35
CA GLY B 65 14.04 4.01 -14.67
C GLY B 65 12.89 4.39 -15.57
N ARG B 66 11.66 4.05 -15.19
CA ARG B 66 10.48 4.41 -15.95
C ARG B 66 9.65 5.48 -15.27
N PHE B 67 9.42 5.35 -13.96
CA PHE B 67 8.56 6.29 -13.27
C PHE B 67 9.40 7.40 -12.64
N THR B 68 8.71 8.45 -12.21
CA THR B 68 9.39 9.58 -11.57
C THR B 68 8.43 10.20 -10.56
N ILE B 69 8.76 10.07 -9.29
CA ILE B 69 8.00 10.74 -8.25
C ILE B 69 8.57 12.14 -8.04
N SER B 70 7.68 13.10 -7.82
CA SER B 70 8.08 14.47 -7.55
C SER B 70 6.98 15.15 -6.76
N ARG B 71 7.23 16.40 -6.39
CA ARG B 71 6.23 17.19 -5.71
C ARG B 71 6.44 18.64 -6.07
N HIS B 72 5.40 19.44 -5.93
CA HIS B 72 5.49 20.86 -6.26
C HIS B 72 5.03 21.61 -5.03
N ASN B 73 5.96 22.28 -4.36
CA ASN B 73 5.80 22.63 -2.95
C ASN B 73 4.81 23.77 -2.72
N SER B 74 4.71 24.68 -3.68
CA SER B 74 3.89 25.87 -3.42
C SER B 74 2.40 25.63 -3.58
N LYS B 75 1.94 24.42 -3.89
CA LYS B 75 0.51 24.17 -4.00
C LYS B 75 0.06 22.91 -3.27
N ASN B 76 0.94 22.29 -2.48
CA ASN B 76 0.70 21.06 -1.72
C ASN B 76 0.26 19.91 -2.62
N THR B 77 1.08 19.56 -3.61
CA THR B 77 0.69 18.58 -4.62
C THR B 77 1.85 17.62 -4.88
N LEU B 78 1.52 16.33 -4.99
CA LEU B 78 2.47 15.26 -5.27
C LEU B 78 2.19 14.72 -6.66
N TYR B 79 3.23 14.51 -7.46
CA TYR B 79 3.06 14.00 -8.81
C TYR B 79 3.82 12.71 -9.01
N LEU B 80 3.26 11.87 -9.89
CA LEU B 80 3.93 10.64 -10.33
C LEU B 80 3.85 10.63 -11.86
N GLN B 81 4.97 10.89 -12.52
CA GLN B 81 5.03 10.78 -13.96
C GLN B 81 5.38 9.34 -14.33
N MET B 82 4.68 8.79 -15.31
CA MET B 82 4.89 7.42 -15.75
C MET B 82 5.17 7.44 -17.25
N ASN B 83 6.27 6.81 -17.64
CA ASN B 83 6.66 6.74 -19.04
C ASN B 83 6.93 5.29 -19.41
N SER B 84 6.63 4.96 -20.66
CA SER B 84 6.82 3.63 -21.25
C SER B 84 6.08 2.56 -20.44
N LEU B 85 4.77 2.73 -20.32
CA LEU B 85 3.97 1.85 -19.49
C LEU B 85 3.78 0.50 -20.18
N ARG B 86 4.03 -0.57 -19.45
CA ARG B 86 3.83 -1.91 -19.96
C ARG B 86 2.46 -2.44 -19.52
N ALA B 87 2.21 -3.71 -19.84
CA ALA B 87 0.88 -4.28 -19.66
C ALA B 87 0.56 -4.52 -18.19
N GLU B 88 1.58 -4.83 -17.38
CA GLU B 88 1.33 -5.16 -15.99
C GLU B 88 1.23 -3.94 -15.08
N ASP B 89 1.24 -2.73 -15.63
CA ASP B 89 1.08 -1.53 -14.81
C ASP B 89 -0.36 -1.10 -14.66
N THR B 90 -1.32 -1.87 -15.16
CA THR B 90 -2.73 -1.59 -14.96
C THR B 90 -3.08 -1.86 -13.50
N ALA B 91 -3.32 -0.80 -12.73
CA ALA B 91 -3.46 -0.96 -11.28
C ALA B 91 -4.17 0.25 -10.71
N VAL B 92 -4.62 0.10 -9.47
CA VAL B 92 -5.14 1.21 -8.69
C VAL B 92 -4.00 1.80 -7.87
N TYR B 93 -3.76 3.09 -8.01
CA TYR B 93 -2.65 3.77 -7.37
C TYR B 93 -3.18 4.60 -6.21
N TYR B 94 -2.45 4.56 -5.09
CA TYR B 94 -2.78 5.31 -3.89
C TYR B 94 -1.58 6.18 -3.50
N CYS B 95 -1.83 7.44 -3.20
CA CYS B 95 -0.83 8.27 -2.54
C CYS B 95 -1.05 8.17 -1.04
N ALA B 96 0.04 8.01 -0.31
CA ALA B 96 -0.05 7.71 1.12
C ALA B 96 1.00 8.50 1.87
N ARG B 97 0.58 9.18 2.93
CA ARG B 97 1.52 9.81 3.84
C ARG B 97 2.15 8.74 4.72
N GLY B 98 3.47 8.79 4.85
CA GLY B 98 4.16 7.81 5.67
C GLY B 98 4.87 8.40 6.86
N TYR B 99 5.16 7.57 7.85
CA TYR B 99 5.97 7.99 9.00
C TYR B 99 7.39 7.55 8.72
N GLY B 100 8.06 8.28 7.84
CA GLY B 100 9.42 7.96 7.45
C GLY B 100 9.57 6.64 6.72
N ASP B 101 8.88 6.48 5.57
CA ASP B 101 8.67 5.27 4.76
C ASP B 101 8.61 3.98 5.59
N TYR B 102 7.84 4.03 6.66
CA TYR B 102 7.64 2.88 7.54
C TYR B 102 6.23 2.36 7.45
N TYR B 103 5.25 3.19 7.80
CA TYR B 103 3.86 2.79 7.75
C TYR B 103 3.01 3.96 7.27
N PHE B 104 1.92 3.66 6.59
CA PHE B 104 1.14 4.66 5.87
C PHE B 104 -0.18 4.86 6.59
N ASP B 105 -0.22 5.86 7.46
CA ASP B 105 -1.42 6.11 8.27
C ASP B 105 -2.56 6.74 7.48
N TYR B 106 -2.26 7.61 6.53
CA TYR B 106 -3.27 8.25 5.71
C TYR B 106 -3.06 7.88 4.25
N TRP B 107 -4.15 7.48 3.59
CA TRP B 107 -4.11 7.01 2.21
C TRP B 107 -5.03 7.84 1.33
N GLY B 108 -4.66 7.97 0.07
CA GLY B 108 -5.53 8.57 -0.90
C GLY B 108 -6.63 7.65 -1.32
N GLN B 109 -7.63 8.22 -2.02
CA GLN B 109 -8.79 7.43 -2.42
C GLN B 109 -8.44 6.41 -3.49
N GLY B 110 -7.48 6.70 -4.34
CA GLY B 110 -7.05 5.75 -5.33
C GLY B 110 -7.61 6.05 -6.70
N THR B 111 -6.76 5.91 -7.72
CA THR B 111 -7.21 6.11 -9.08
C THR B 111 -6.73 4.95 -9.94
N LEU B 112 -7.51 4.60 -10.95
CA LEU B 112 -7.21 3.43 -11.77
C LEU B 112 -6.46 3.85 -13.03
N VAL B 113 -5.36 3.15 -13.30
CA VAL B 113 -4.58 3.34 -14.52
C VAL B 113 -4.70 2.07 -15.34
N THR B 114 -5.27 2.18 -16.53
CA THR B 114 -5.49 1.06 -17.42
C THR B 114 -4.58 1.19 -18.63
N VAL B 115 -3.78 0.17 -18.90
CA VAL B 115 -2.83 0.16 -20.00
C VAL B 115 -3.28 -0.91 -20.97
N SER B 116 -3.88 -0.50 -22.08
CA SER B 116 -4.30 -1.43 -23.12
C SER B 116 -4.39 -0.66 -24.43
N SER B 117 -4.38 -1.41 -25.53
CA SER B 117 -4.52 -0.81 -26.85
C SER B 117 -5.96 -0.66 -27.28
N ALA B 118 -6.91 -1.01 -26.42
CA ALA B 118 -8.32 -0.86 -26.75
C ALA B 118 -8.74 0.60 -26.68
N SER B 119 -9.85 0.90 -27.34
CA SER B 119 -10.39 2.26 -27.36
C SER B 119 -11.41 2.45 -26.26
N THR B 120 -11.57 3.69 -25.82
CA THR B 120 -12.61 4.02 -24.86
C THR B 120 -13.97 3.96 -25.54
N LYS B 121 -14.90 3.22 -24.93
CA LYS B 121 -16.24 3.09 -25.49
C LYS B 121 -17.27 3.46 -24.42
N GLY B 122 -18.23 4.28 -24.82
CA GLY B 122 -19.30 4.67 -23.94
C GLY B 122 -20.25 3.52 -23.65
N PRO B 123 -20.77 3.47 -22.44
CA PRO B 123 -21.65 2.35 -22.06
C PRO B 123 -23.02 2.44 -22.71
N SER B 124 -23.69 1.31 -22.77
CA SER B 124 -25.10 1.25 -23.11
C SER B 124 -25.88 0.85 -21.88
N VAL B 125 -26.96 1.57 -21.59
CA VAL B 125 -27.74 1.37 -20.38
C VAL B 125 -29.11 0.85 -20.77
N PHE B 126 -29.52 -0.26 -20.15
CA PHE B 126 -30.83 -0.81 -20.43
C PHE B 126 -31.60 -1.02 -19.12
N PRO B 127 -32.89 -0.69 -19.09
CA PRO B 127 -33.67 -0.90 -17.87
C PRO B 127 -34.05 -2.35 -17.69
N LEU B 128 -34.23 -2.75 -16.44
CA LEU B 128 -34.69 -4.08 -16.08
C LEU B 128 -36.15 -3.96 -15.64
N ALA B 129 -37.03 -4.68 -16.31
CA ALA B 129 -38.46 -4.52 -16.06
C ALA B 129 -38.86 -5.21 -14.77
N PRO B 130 -39.40 -4.50 -13.78
CA PRO B 130 -39.87 -5.16 -12.56
C PRO B 130 -41.20 -5.87 -12.79
N SER B 131 -41.50 -6.80 -11.91
CA SER B 131 -42.75 -7.56 -11.99
C SER B 131 -43.95 -6.71 -11.62
N GLY B 138 -45.98 -6.44 -0.99
CA GLY B 138 -44.69 -7.07 -0.81
C GLY B 138 -43.52 -6.19 -1.23
N THR B 139 -42.66 -6.72 -2.08
CA THR B 139 -41.50 -5.99 -2.56
C THR B 139 -41.21 -6.40 -4.00
N ALA B 140 -40.42 -5.59 -4.68
CA ALA B 140 -40.02 -5.88 -6.05
C ALA B 140 -38.66 -5.25 -6.31
N ALA B 141 -37.86 -5.90 -7.12
CA ALA B 141 -36.54 -5.42 -7.47
C ALA B 141 -36.57 -4.79 -8.85
N LEU B 142 -35.86 -3.68 -9.01
CA LEU B 142 -35.71 -3.02 -10.30
C LEU B 142 -34.29 -2.50 -10.41
N GLY B 143 -33.80 -2.38 -11.63
CA GLY B 143 -32.44 -1.94 -11.80
C GLY B 143 -32.14 -1.58 -13.23
N CYS B 144 -30.86 -1.28 -13.48
CA CYS B 144 -30.40 -1.03 -14.83
C CYS B 144 -29.08 -1.73 -15.09
N LEU B 145 -28.93 -2.21 -16.32
CA LEU B 145 -27.77 -2.96 -16.76
C LEU B 145 -26.89 -2.07 -17.63
N VAL B 146 -25.64 -1.94 -17.24
CA VAL B 146 -24.63 -1.20 -17.98
C VAL B 146 -23.81 -2.22 -18.74
N LYS B 147 -23.76 -2.07 -20.06
CA LYS B 147 -23.21 -3.11 -20.92
C LYS B 147 -22.29 -2.48 -21.94
N ASP B 148 -21.19 -3.19 -22.25
CA ASP B 148 -20.31 -2.94 -23.40
C ASP B 148 -19.63 -1.57 -23.28
N TYR B 149 -18.85 -1.44 -22.20
CA TYR B 149 -18.07 -0.24 -21.97
C TYR B 149 -16.62 -0.62 -21.71
N PHE B 150 -15.75 0.39 -21.76
CA PHE B 150 -14.33 0.25 -21.49
C PHE B 150 -13.77 1.62 -21.19
N PRO B 151 -12.92 1.77 -20.17
CA PRO B 151 -12.58 0.81 -19.11
C PRO B 151 -13.40 1.06 -17.85
N GLU B 152 -12.99 0.45 -16.74
CA GLU B 152 -13.54 0.79 -15.44
C GLU B 152 -13.17 2.23 -15.07
N PRO B 153 -13.98 2.90 -14.23
CA PRO B 153 -15.25 2.50 -13.62
C PRO B 153 -16.50 3.17 -14.16
N VAL B 154 -17.63 2.54 -13.91
CA VAL B 154 -18.95 3.12 -14.12
C VAL B 154 -19.57 3.27 -12.75
N THR B 155 -19.96 4.50 -12.40
CA THR B 155 -20.58 4.76 -11.12
C THR B 155 -22.08 4.92 -11.32
N VAL B 156 -22.86 4.09 -10.63
CA VAL B 156 -24.30 4.11 -10.73
C VAL B 156 -24.87 4.66 -9.43
N SER B 157 -25.62 5.73 -9.53
CA SER B 157 -26.35 6.28 -8.40
C SER B 157 -27.84 6.14 -8.67
N TRP B 158 -28.66 6.33 -7.65
CA TRP B 158 -30.10 6.23 -7.81
C TRP B 158 -30.77 7.49 -7.26
N ASN B 159 -31.56 8.14 -8.13
CA ASN B 159 -32.33 9.35 -7.83
C ASN B 159 -31.44 10.46 -7.29
N SER B 160 -30.38 10.77 -8.06
CA SER B 160 -29.34 11.75 -7.74
C SER B 160 -28.63 11.43 -6.43
N GLY B 161 -28.46 10.15 -6.10
CA GLY B 161 -27.80 9.75 -4.89
C GLY B 161 -28.65 9.77 -3.65
N ALA B 162 -29.95 10.01 -3.76
CA ALA B 162 -30.81 10.08 -2.60
C ALA B 162 -31.25 8.70 -2.09
N LEU B 163 -31.02 7.64 -2.86
CA LEU B 163 -31.38 6.30 -2.46
C LEU B 163 -30.12 5.44 -2.42
N THR B 164 -29.66 5.12 -1.21
CA THR B 164 -28.49 4.29 -1.02
C THR B 164 -28.79 3.02 -0.24
N SER B 165 -30.02 2.80 0.18
CA SER B 165 -30.41 1.62 0.95
C SER B 165 -30.99 0.58 0.02
N GLY B 166 -30.47 -0.65 0.11
CA GLY B 166 -30.92 -1.72 -0.75
C GLY B 166 -30.34 -1.70 -2.15
N VAL B 167 -29.36 -0.84 -2.41
CA VAL B 167 -28.76 -0.73 -3.74
C VAL B 167 -27.56 -1.66 -3.80
N HIS B 168 -27.62 -2.63 -4.70
CA HIS B 168 -26.51 -3.55 -4.94
C HIS B 168 -25.93 -3.23 -6.31
N THR B 169 -24.71 -2.74 -6.32
CA THR B 169 -23.96 -2.50 -7.56
C THR B 169 -22.98 -3.63 -7.72
N PHE B 170 -23.24 -4.51 -8.68
CA PHE B 170 -22.41 -5.69 -8.87
C PHE B 170 -21.08 -5.30 -9.49
N PRO B 171 -19.99 -6.01 -9.17
CA PRO B 171 -18.72 -5.76 -9.84
C PRO B 171 -18.78 -6.16 -11.30
N ALA B 172 -18.03 -5.44 -12.13
CA ALA B 172 -18.07 -5.66 -13.57
C ALA B 172 -17.36 -6.95 -13.94
N VAL B 173 -17.93 -7.67 -14.90
CA VAL B 173 -17.34 -8.90 -15.41
C VAL B 173 -16.77 -8.64 -16.79
N LEU B 174 -15.67 -9.31 -17.10
CA LEU B 174 -15.07 -9.22 -18.43
C LEU B 174 -15.75 -10.23 -19.35
N GLN B 175 -16.35 -9.73 -20.42
CA GLN B 175 -16.94 -10.62 -21.41
C GLN B 175 -15.85 -11.16 -22.33
N SER B 176 -16.24 -12.09 -23.20
CA SER B 176 -15.31 -12.62 -24.18
C SER B 176 -15.00 -11.62 -25.29
N SER B 177 -15.83 -10.58 -25.44
CA SER B 177 -15.60 -9.52 -26.41
C SER B 177 -14.65 -8.45 -25.89
N GLY B 178 -14.24 -8.52 -24.64
CA GLY B 178 -13.29 -7.57 -24.08
C GLY B 178 -13.92 -6.39 -23.38
N LEU B 179 -15.23 -6.20 -23.46
CA LEU B 179 -15.91 -5.08 -22.83
C LEU B 179 -16.58 -5.55 -21.56
N TYR B 180 -16.83 -4.60 -20.65
CA TYR B 180 -17.33 -4.94 -19.33
C TYR B 180 -18.84 -4.68 -19.23
N SER B 181 -19.43 -5.27 -18.20
CA SER B 181 -20.86 -5.13 -17.95
C SER B 181 -21.12 -5.30 -16.45
N LEU B 182 -21.95 -4.43 -15.91
CA LEU B 182 -22.38 -4.55 -14.52
C LEU B 182 -23.85 -4.22 -14.40
N SER B 183 -24.54 -4.93 -13.52
CA SER B 183 -25.94 -4.69 -13.25
C SER B 183 -26.05 -4.00 -11.90
N SER B 184 -26.91 -2.98 -11.82
CA SER B 184 -27.20 -2.32 -10.55
C SER B 184 -28.67 -2.53 -10.24
N VAL B 185 -28.96 -3.09 -9.07
CA VAL B 185 -30.32 -3.41 -8.69
C VAL B 185 -30.65 -2.72 -7.37
N VAL B 186 -31.95 -2.58 -7.11
CA VAL B 186 -32.44 -2.04 -5.86
C VAL B 186 -33.81 -2.64 -5.59
N THR B 187 -34.07 -3.01 -4.34
CA THR B 187 -35.34 -3.57 -3.92
C THR B 187 -36.19 -2.47 -3.30
N VAL B 188 -37.40 -2.32 -3.80
CA VAL B 188 -38.33 -1.27 -3.38
C VAL B 188 -39.64 -1.95 -3.02
N PRO B 189 -40.26 -1.62 -1.88
CA PRO B 189 -41.58 -2.18 -1.56
C PRO B 189 -42.65 -1.67 -2.51
N SER B 190 -43.72 -2.46 -2.64
CA SER B 190 -44.77 -2.21 -3.63
C SER B 190 -45.62 -0.98 -3.32
N SER B 191 -45.50 -0.40 -2.12
CA SER B 191 -46.27 0.79 -1.79
C SER B 191 -45.81 2.00 -2.61
N SER B 192 -44.50 2.16 -2.78
CA SER B 192 -43.95 3.25 -3.58
C SER B 192 -43.51 2.81 -4.96
N LEU B 193 -43.84 1.57 -5.37
CA LEU B 193 -43.40 1.08 -6.67
C LEU B 193 -44.13 1.80 -7.80
N GLY B 194 -45.46 1.89 -7.71
CA GLY B 194 -46.22 2.56 -8.74
C GLY B 194 -46.38 4.05 -8.58
N THR B 195 -45.88 4.62 -7.48
CA THR B 195 -46.06 6.03 -7.20
C THR B 195 -44.78 6.84 -7.26
N GLN B 196 -43.61 6.19 -7.31
CA GLN B 196 -42.34 6.89 -7.31
C GLN B 196 -41.54 6.47 -8.54
N THR B 197 -41.03 7.47 -9.27
CA THR B 197 -40.19 7.23 -10.43
C THR B 197 -38.74 7.13 -10.00
N TYR B 198 -38.06 6.08 -10.45
CA TYR B 198 -36.67 5.83 -10.11
C TYR B 198 -35.81 6.00 -11.36
N ILE B 199 -34.73 6.78 -11.22
CA ILE B 199 -33.82 7.09 -12.31
C ILE B 199 -32.41 6.73 -11.84
N CYS B 200 -31.74 5.84 -12.57
CA CYS B 200 -30.37 5.48 -12.24
C CYS B 200 -29.41 6.36 -13.03
N ASN B 201 -28.58 7.10 -12.31
CA ASN B 201 -27.56 7.96 -12.89
C ASN B 201 -26.34 7.10 -13.19
N VAL B 202 -26.20 6.74 -14.46
CA VAL B 202 -24.99 6.05 -14.91
C VAL B 202 -23.97 7.09 -15.33
N ASN B 203 -22.81 7.07 -14.68
CA ASN B 203 -21.78 8.08 -14.93
C ASN B 203 -20.50 7.35 -15.31
N HIS B 204 -19.93 7.72 -16.45
CA HIS B 204 -18.69 7.14 -16.97
C HIS B 204 -17.72 8.29 -17.21
N LYS B 205 -16.78 8.46 -16.27
CA LYS B 205 -15.72 9.45 -16.42
C LYS B 205 -14.81 9.30 -17.65
N PRO B 206 -14.32 8.10 -18.05
CA PRO B 206 -13.41 8.07 -19.21
C PRO B 206 -14.06 8.45 -20.54
N SER B 207 -15.28 8.00 -20.80
CA SER B 207 -15.94 8.36 -22.04
C SER B 207 -16.82 9.59 -21.92
N ASN B 208 -16.91 10.15 -20.71
CA ASN B 208 -17.78 11.30 -20.39
C ASN B 208 -19.24 11.03 -20.77
N THR B 209 -19.79 9.95 -20.21
CA THR B 209 -21.14 9.50 -20.56
C THR B 209 -22.05 9.61 -19.34
N LYS B 210 -23.12 10.39 -19.48
CA LYS B 210 -24.11 10.57 -18.42
C LYS B 210 -25.44 10.03 -18.93
N VAL B 211 -25.97 9.00 -18.28
CA VAL B 211 -27.22 8.39 -18.71
C VAL B 211 -28.21 8.46 -17.54
N ASP B 212 -29.28 9.22 -17.73
CA ASP B 212 -30.37 9.29 -16.76
C ASP B 212 -31.56 8.48 -17.28
N LYS B 213 -31.43 7.15 -17.21
CA LYS B 213 -32.45 6.27 -17.75
C LYS B 213 -33.41 5.84 -16.64
N LYS B 214 -34.67 6.25 -16.78
CA LYS B 214 -35.69 5.92 -15.79
C LYS B 214 -36.09 4.45 -15.92
N VAL B 215 -36.31 3.80 -14.79
CA VAL B 215 -36.85 2.45 -14.74
C VAL B 215 -38.29 2.55 -14.25
N GLU B 216 -39.21 1.98 -15.01
CA GLU B 216 -40.64 2.08 -14.75
C GLU B 216 -41.23 0.68 -14.88
N PRO B 217 -42.23 0.34 -14.05
CA PRO B 217 -42.96 -0.93 -14.20
C PRO B 217 -43.72 -1.06 -15.51
N ASP C 1 15.09 -10.68 -1.16
CA ASP C 1 14.16 -9.69 -0.62
C ASP C 1 13.25 -10.53 0.29
N VAL C 2 12.48 -9.85 1.15
CA VAL C 2 11.63 -10.54 2.12
C VAL C 2 10.32 -10.91 1.45
N VAL C 3 9.98 -12.20 1.49
CA VAL C 3 8.75 -12.71 0.92
C VAL C 3 7.78 -12.92 2.08
N MET C 4 6.67 -12.20 2.05
CA MET C 4 5.84 -11.99 3.22
C MET C 4 4.57 -12.81 3.04
N THR C 5 4.38 -13.83 3.87
CA THR C 5 3.38 -14.87 3.66
C THR C 5 2.32 -14.80 4.75
N GLN C 6 1.06 -14.73 4.35
CA GLN C 6 -0.05 -14.69 5.29
C GLN C 6 -0.79 -16.01 5.32
N SER C 7 -1.23 -16.40 6.50
CA SER C 7 -2.03 -17.60 6.68
C SER C 7 -3.17 -17.30 7.65
N PRO C 8 -4.37 -17.86 7.41
CA PRO C 8 -4.78 -18.60 6.21
C PRO C 8 -5.14 -17.65 5.08
N ALA C 9 -5.32 -18.19 3.87
CA ALA C 9 -5.68 -17.34 2.74
C ALA C 9 -7.08 -16.77 2.87
N THR C 10 -7.99 -17.48 3.53
CA THR C 10 -9.31 -16.96 3.84
C THR C 10 -9.73 -17.49 5.20
N LEU C 11 -10.55 -16.73 5.90
CA LEU C 11 -10.97 -17.07 7.26
C LEU C 11 -12.44 -16.72 7.41
N SER C 12 -13.25 -17.70 7.80
CA SER C 12 -14.67 -17.51 8.01
C SER C 12 -15.01 -17.93 9.44
N LEU C 13 -15.42 -16.95 10.26
CA LEU C 13 -15.72 -17.21 11.65
C LEU C 13 -17.02 -16.52 12.03
N SER C 14 -17.78 -17.15 12.93
CA SER C 14 -19.02 -16.57 13.43
C SER C 14 -18.70 -15.34 14.28
N PRO C 15 -19.61 -14.36 14.35
CA PRO C 15 -19.32 -13.15 15.12
C PRO C 15 -19.29 -13.43 16.62
N GLY C 16 -18.47 -12.65 17.32
CA GLY C 16 -18.21 -12.89 18.72
C GLY C 16 -17.03 -13.80 18.99
N GLU C 17 -16.39 -14.35 17.95
CA GLU C 17 -15.24 -15.21 18.14
C GLU C 17 -13.94 -14.40 18.07
N LYS C 18 -12.85 -15.06 18.44
CA LYS C 18 -11.53 -14.47 18.36
C LYS C 18 -10.84 -14.96 17.08
N ALA C 19 -10.40 -14.03 16.25
CA ALA C 19 -9.74 -14.35 14.99
C ALA C 19 -8.25 -14.08 15.12
N THR C 20 -7.44 -15.04 14.69
CA THR C 20 -5.99 -14.94 14.75
C THR C 20 -5.44 -15.08 13.34
N LEU C 21 -4.87 -14.01 12.81
CA LEU C 21 -4.25 -14.00 11.49
C LEU C 21 -2.74 -14.07 11.65
N SER C 22 -2.11 -15.04 11.00
CA SER C 22 -0.69 -15.25 11.16
C SER C 22 0.05 -14.70 9.95
N CYS C 23 1.15 -14.03 10.21
CA CYS C 23 2.00 -13.47 9.16
C CYS C 23 3.43 -13.89 9.41
N ARG C 24 4.13 -14.28 8.34
CA ARG C 24 5.44 -14.88 8.47
C ARG C 24 6.36 -14.30 7.41
N ALA C 25 7.54 -13.86 7.83
CA ALA C 25 8.53 -13.29 6.93
C ALA C 25 9.60 -14.33 6.62
N SER C 26 10.20 -14.20 5.43
CA SER C 26 11.28 -15.09 5.04
C SER C 26 12.55 -14.81 5.82
N GLN C 27 12.74 -13.59 6.30
CA GLN C 27 13.86 -13.21 7.14
C GLN C 27 13.32 -12.78 8.50
N SER C 28 14.22 -12.32 9.36
CA SER C 28 13.83 -11.74 10.64
C SER C 28 13.72 -10.23 10.48
N VAL C 29 12.51 -9.70 10.61
CA VAL C 29 12.27 -8.29 10.38
C VAL C 29 12.01 -7.55 11.69
N SER C 30 12.39 -8.15 12.82
CA SER C 30 12.33 -7.56 14.18
C SER C 30 10.88 -7.23 14.51
N SER C 31 10.59 -6.04 15.03
CA SER C 31 9.23 -5.59 15.24
C SER C 31 8.81 -4.56 14.20
N TYR C 32 9.46 -4.57 13.04
CA TYR C 32 9.16 -3.61 11.97
C TYR C 32 8.02 -4.16 11.11
N LEU C 33 6.81 -4.09 11.64
CA LEU C 33 5.66 -4.61 10.93
C LEU C 33 4.45 -3.73 11.18
N ALA C 34 3.63 -3.54 10.13
CA ALA C 34 2.38 -2.84 10.25
C ALA C 34 1.27 -3.70 9.66
N TRP C 35 0.03 -3.44 10.10
CA TRP C 35 -1.13 -4.14 9.59
C TRP C 35 -2.14 -3.16 9.03
N TYR C 36 -2.72 -3.51 7.89
CA TYR C 36 -3.67 -2.67 7.18
C TYR C 36 -4.97 -3.43 6.95
N GLN C 37 -6.07 -2.69 7.00
CA GLN C 37 -7.40 -3.22 6.78
C GLN C 37 -7.99 -2.53 5.56
N GLN C 38 -8.29 -3.31 4.52
CA GLN C 38 -8.84 -2.77 3.28
C GLN C 38 -10.25 -3.31 3.09
N LYS C 39 -11.23 -2.41 3.20
CA LYS C 39 -12.60 -2.73 2.84
C LYS C 39 -12.70 -2.82 1.32
N PRO C 40 -13.72 -3.52 0.80
CA PRO C 40 -13.94 -3.53 -0.65
C PRO C 40 -14.34 -2.14 -1.17
N GLY C 41 -13.62 -1.69 -2.19
CA GLY C 41 -13.86 -0.37 -2.76
C GLY C 41 -13.54 0.77 -1.81
N GLN C 42 -12.42 0.66 -1.10
CA GLN C 42 -12.07 1.60 -0.04
C GLN C 42 -10.58 1.49 0.19
N PRO C 43 -9.89 2.60 0.48
CA PRO C 43 -8.44 2.54 0.69
C PRO C 43 -8.11 1.80 1.96
N PRO C 44 -6.91 1.22 2.06
CA PRO C 44 -6.51 0.54 3.29
C PRO C 44 -6.37 1.50 4.46
N LYS C 45 -6.73 1.00 5.64
CA LYS C 45 -6.65 1.74 6.88
C LYS C 45 -5.63 1.08 7.78
N LEU C 46 -4.69 1.87 8.29
CA LEU C 46 -3.69 1.35 9.21
C LEU C 46 -4.33 0.97 10.53
N LEU C 47 -4.08 -0.27 10.97
CA LEU C 47 -4.60 -0.75 12.24
C LEU C 47 -3.55 -0.66 13.34
N ILE C 48 -2.42 -1.35 13.18
CA ILE C 48 -1.35 -1.34 14.17
C ILE C 48 -0.02 -1.15 13.46
N TYR C 49 0.93 -0.56 14.18
CA TYR C 49 2.28 -0.33 13.70
C TYR C 49 3.25 -0.72 14.81
N TRP C 50 4.51 -0.97 14.42
CA TRP C 50 5.57 -1.52 15.26
C TRP C 50 5.19 -2.86 15.89
N ALA C 51 4.30 -3.60 15.22
CA ALA C 51 3.82 -4.94 15.53
C ALA C 51 3.02 -5.05 16.83
N SER C 52 2.92 -3.97 17.60
CA SER C 52 2.13 -3.98 18.83
C SER C 52 1.32 -2.72 19.09
N THR C 53 1.67 -1.58 18.51
CA THR C 53 1.10 -0.30 18.90
C THR C 53 -0.10 0.03 18.02
N ARG C 54 -1.25 0.24 18.63
CA ARG C 54 -2.47 0.55 17.90
C ARG C 54 -2.43 1.98 17.36
N GLU C 55 -2.94 2.14 16.14
CA GLU C 55 -3.24 3.47 15.62
C GLU C 55 -4.39 4.08 16.42
N SER C 56 -4.33 5.39 16.61
CA SER C 56 -5.43 6.11 17.24
C SER C 56 -6.66 6.08 16.35
N GLY C 57 -7.83 5.90 16.98
CA GLY C 57 -9.06 5.73 16.24
C GLY C 57 -9.38 4.30 15.87
N VAL C 58 -8.47 3.36 16.11
CA VAL C 58 -8.71 1.94 15.91
C VAL C 58 -9.28 1.38 17.21
N PRO C 59 -10.39 0.63 17.17
CA PRO C 59 -10.97 0.11 18.41
C PRO C 59 -10.07 -0.93 19.08
N ASP C 60 -10.29 -1.10 20.39
CA ASP C 60 -9.40 -1.89 21.23
C ASP C 60 -9.44 -3.39 20.96
N ARG C 61 -10.39 -3.87 20.16
CA ARG C 61 -10.46 -5.31 19.86
C ARG C 61 -9.34 -5.76 18.95
N PHE C 62 -8.68 -4.85 18.24
CA PHE C 62 -7.51 -5.20 17.45
C PHE C 62 -6.26 -5.17 18.31
N SER C 63 -5.41 -6.18 18.16
CA SER C 63 -4.15 -6.21 18.87
C SER C 63 -3.15 -6.99 18.03
N GLY C 64 -1.87 -6.85 18.35
CA GLY C 64 -0.82 -7.53 17.63
C GLY C 64 0.24 -8.06 18.56
N SER C 65 0.95 -9.08 18.07
CA SER C 65 2.02 -9.69 18.83
C SER C 65 2.98 -10.36 17.85
N GLY C 66 4.13 -10.75 18.37
CA GLY C 66 5.10 -11.44 17.55
C GLY C 66 6.32 -10.61 17.25
N SER C 67 7.38 -11.28 16.79
CA SER C 67 8.66 -10.62 16.57
C SER C 67 9.53 -11.50 15.69
N GLY C 68 10.47 -10.88 14.99
CA GLY C 68 11.35 -11.63 14.13
C GLY C 68 10.66 -12.10 12.88
N THR C 69 10.35 -13.39 12.82
CA THR C 69 9.70 -13.98 11.65
C THR C 69 8.19 -14.11 11.82
N ASP C 70 7.72 -14.53 12.98
CA ASP C 70 6.31 -14.84 13.18
C ASP C 70 5.61 -13.68 13.88
N PHE C 71 4.42 -13.33 13.37
CA PHE C 71 3.58 -12.28 13.93
C PHE C 71 2.14 -12.74 13.87
N THR C 72 1.35 -12.23 14.81
CA THR C 72 -0.09 -12.53 14.86
C THR C 72 -0.86 -11.23 15.04
N LEU C 73 -1.96 -11.11 14.31
CA LEU C 73 -2.95 -10.06 14.52
C LEU C 73 -4.20 -10.71 15.09
N THR C 74 -4.64 -10.21 16.25
CA THR C 74 -5.74 -10.81 16.99
C THR C 74 -6.91 -9.85 17.03
N ILE C 75 -8.07 -10.32 16.61
CA ILE C 75 -9.33 -9.61 16.75
C ILE C 75 -10.09 -10.35 17.85
N SER C 76 -10.28 -9.70 19.00
CA SER C 76 -10.84 -10.36 20.16
C SER C 76 -12.32 -10.68 20.01
N SER C 77 -13.07 -9.86 19.26
CA SER C 77 -14.51 -10.08 19.09
C SER C 77 -14.87 -9.62 17.68
N LEU C 78 -15.07 -10.57 16.78
CA LEU C 78 -15.45 -10.23 15.41
C LEU C 78 -16.86 -9.68 15.37
N GLN C 79 -17.02 -8.56 14.66
CA GLN C 79 -18.32 -7.93 14.47
C GLN C 79 -18.64 -7.90 12.98
N ALA C 80 -19.74 -7.20 12.67
CA ALA C 80 -20.28 -7.26 11.31
C ALA C 80 -19.43 -6.48 10.31
N GLU C 81 -18.84 -5.36 10.72
CA GLU C 81 -18.15 -4.49 9.78
C GLU C 81 -16.68 -4.84 9.61
N ASP C 82 -16.21 -5.97 10.14
CA ASP C 82 -14.82 -6.38 9.98
C ASP C 82 -14.61 -7.25 8.75
N VAL C 83 -15.57 -7.30 7.83
CA VAL C 83 -15.38 -8.03 6.58
C VAL C 83 -14.44 -7.21 5.70
N ALA C 84 -13.18 -7.62 5.63
CA ALA C 84 -12.18 -6.87 4.90
C ALA C 84 -11.02 -7.79 4.57
N VAL C 85 -10.04 -7.24 3.87
CA VAL C 85 -8.79 -7.93 3.57
C VAL C 85 -7.69 -7.31 4.41
N TYR C 86 -6.95 -8.14 5.12
CA TYR C 86 -5.95 -7.67 6.06
C TYR C 86 -4.55 -7.97 5.53
N TYR C 87 -3.70 -6.95 5.50
CA TYR C 87 -2.36 -7.06 4.95
C TYR C 87 -1.34 -6.81 6.04
N CYS C 88 -0.33 -7.69 6.14
CA CYS C 88 0.84 -7.40 6.95
C CYS C 88 1.95 -6.90 6.05
N GLN C 89 2.68 -5.90 6.54
CA GLN C 89 3.62 -5.15 5.72
C GLN C 89 4.88 -4.88 6.53
N GLN C 90 5.99 -5.43 6.08
CA GLN C 90 7.27 -5.20 6.74
C GLN C 90 7.86 -3.88 6.25
N TYR C 91 8.68 -3.27 7.10
CA TYR C 91 9.41 -2.07 6.71
C TYR C 91 10.80 -2.05 7.34
N GLY C 92 11.31 -3.21 7.73
CA GLY C 92 12.67 -3.29 8.22
C GLY C 92 13.67 -3.37 7.08
N SER C 93 13.39 -4.22 6.10
CA SER C 93 14.22 -4.29 4.92
C SER C 93 14.02 -3.05 4.05
N SER C 94 14.97 -2.82 3.15
CA SER C 94 14.93 -1.62 2.32
C SER C 94 13.76 -1.56 1.34
N PRO C 95 13.38 -2.65 0.59
CA PRO C 95 12.13 -2.53 -0.17
C PRO C 95 10.91 -2.93 0.66
N LEU C 96 9.94 -2.02 0.73
CA LEU C 96 8.73 -2.28 1.50
C LEU C 96 7.84 -3.26 0.76
N THR C 97 7.58 -4.42 1.36
CA THR C 97 6.79 -5.46 0.72
C THR C 97 5.57 -5.77 1.57
N PHE C 98 4.42 -5.90 0.93
CA PHE C 98 3.18 -6.25 1.58
C PHE C 98 2.95 -7.75 1.51
N GLY C 99 2.05 -8.23 2.36
CA GLY C 99 1.67 -9.62 2.36
C GLY C 99 0.67 -9.94 1.27
N GLY C 100 0.32 -11.23 1.19
CA GLY C 100 -0.65 -11.67 0.21
C GLY C 100 -2.08 -11.30 0.54
N GLY C 101 -2.39 -10.99 1.78
CA GLY C 101 -3.75 -10.63 2.15
C GLY C 101 -4.54 -11.82 2.64
N THR C 102 -5.39 -11.56 3.63
CA THR C 102 -6.30 -12.56 4.18
C THR C 102 -7.70 -11.99 4.18
N LYS C 103 -8.61 -12.67 3.49
CA LYS C 103 -10.01 -12.26 3.44
C LYS C 103 -10.75 -12.86 4.63
N VAL C 104 -11.42 -12.01 5.41
CA VAL C 104 -12.10 -12.42 6.62
C VAL C 104 -13.60 -12.37 6.38
N GLU C 105 -14.28 -13.48 6.63
CA GLU C 105 -15.70 -13.63 6.38
C GLU C 105 -16.43 -13.90 7.68
N ILE C 106 -17.70 -13.50 7.74
CA ILE C 106 -18.52 -13.66 8.93
C ILE C 106 -19.57 -14.74 8.67
N LYS C 107 -19.66 -15.71 9.57
CA LYS C 107 -20.66 -16.78 9.50
C LYS C 107 -21.95 -16.29 10.16
N ARG C 108 -22.88 -15.81 9.35
CA ARG C 108 -24.20 -15.48 9.83
C ARG C 108 -25.10 -16.73 9.74
N THR C 109 -26.38 -16.56 10.03
CA THR C 109 -27.31 -17.66 9.87
C THR C 109 -27.65 -17.86 8.39
N VAL C 110 -28.17 -19.04 8.08
CA VAL C 110 -28.47 -19.41 6.70
C VAL C 110 -29.72 -18.67 6.24
N ALA C 111 -29.60 -17.93 5.14
CA ALA C 111 -30.69 -17.14 4.59
C ALA C 111 -30.99 -17.60 3.17
N ALA C 112 -32.25 -17.89 2.90
CA ALA C 112 -32.66 -18.27 1.55
C ALA C 112 -32.66 -17.04 0.64
N PRO C 113 -32.29 -17.19 -0.64
CA PRO C 113 -32.27 -16.04 -1.54
C PRO C 113 -33.66 -15.58 -1.93
N SER C 114 -33.76 -14.29 -2.23
CA SER C 114 -34.92 -13.74 -2.91
C SER C 114 -34.59 -13.67 -4.40
N VAL C 115 -35.38 -14.34 -5.22
CA VAL C 115 -35.00 -14.63 -6.60
C VAL C 115 -35.91 -13.85 -7.54
N PHE C 116 -35.31 -13.11 -8.46
CA PHE C 116 -36.02 -12.37 -9.48
C PHE C 116 -35.43 -12.70 -10.83
N ILE C 117 -36.26 -12.60 -11.87
CA ILE C 117 -35.80 -12.79 -13.24
C ILE C 117 -36.25 -11.61 -14.08
N PHE C 118 -35.33 -11.05 -14.85
CA PHE C 118 -35.57 -9.85 -15.63
C PHE C 118 -35.41 -10.16 -17.11
N PRO C 119 -36.45 -9.93 -17.91
CA PRO C 119 -36.38 -10.15 -19.34
C PRO C 119 -35.52 -9.09 -20.01
N PRO C 120 -35.07 -9.32 -21.25
CA PRO C 120 -34.43 -8.24 -22.00
C PRO C 120 -35.39 -7.10 -22.29
N SER C 121 -34.88 -5.88 -22.19
CA SER C 121 -35.68 -4.71 -22.56
C SER C 121 -35.79 -4.64 -24.08
N ASP C 122 -36.91 -4.07 -24.56
CA ASP C 122 -37.15 -4.02 -25.99
C ASP C 122 -36.25 -3.03 -26.71
N GLU C 123 -35.73 -2.02 -25.99
CA GLU C 123 -34.74 -1.13 -26.60
C GLU C 123 -33.38 -1.80 -26.72
N GLN C 124 -33.14 -2.83 -25.90
CA GLN C 124 -31.94 -3.63 -26.09
C GLN C 124 -32.08 -4.56 -27.29
N LEU C 125 -33.31 -5.04 -27.54
CA LEU C 125 -33.53 -6.07 -28.53
C LEU C 125 -33.37 -5.58 -29.96
N LYS C 126 -33.41 -4.28 -30.18
CA LYS C 126 -33.14 -3.75 -31.51
C LYS C 126 -31.66 -3.46 -31.75
N SER C 127 -30.81 -3.73 -30.78
CA SER C 127 -29.37 -3.64 -30.96
C SER C 127 -28.74 -5.01 -31.21
N GLY C 128 -29.56 -6.04 -31.43
CA GLY C 128 -29.07 -7.36 -31.77
C GLY C 128 -28.73 -8.26 -30.62
N THR C 129 -28.78 -7.75 -29.39
CA THR C 129 -28.33 -8.51 -28.22
C THR C 129 -29.47 -8.64 -27.23
N ALA C 130 -29.62 -9.82 -26.64
CA ALA C 130 -30.61 -10.06 -25.60
C ALA C 130 -29.89 -10.50 -24.35
N SER C 131 -30.32 -9.98 -23.20
CA SER C 131 -29.72 -10.33 -21.92
C SER C 131 -30.82 -10.60 -20.90
N VAL C 132 -30.84 -11.80 -20.35
CA VAL C 132 -31.77 -12.19 -19.30
C VAL C 132 -31.00 -12.22 -18.00
N VAL C 133 -31.51 -11.56 -16.97
CA VAL C 133 -30.77 -11.39 -15.72
C VAL C 133 -31.51 -12.11 -14.59
N CYS C 134 -30.83 -13.04 -13.94
CA CYS C 134 -31.37 -13.73 -12.78
C CYS C 134 -30.67 -13.19 -11.55
N LEU C 135 -31.43 -12.63 -10.62
CA LEU C 135 -30.91 -11.92 -9.47
C LEU C 135 -31.26 -12.69 -8.20
N LEU C 136 -30.24 -13.03 -7.42
CA LEU C 136 -30.40 -13.64 -6.11
C LEU C 136 -30.01 -12.60 -5.07
N ASN C 137 -30.90 -12.33 -4.14
CA ASN C 137 -30.78 -11.17 -3.26
C ASN C 137 -30.82 -11.62 -1.80
N ASN C 138 -29.77 -11.23 -1.06
CA ASN C 138 -29.63 -11.44 0.39
C ASN C 138 -29.69 -12.93 0.75
N PHE C 139 -28.66 -13.64 0.32
CA PHE C 139 -28.51 -15.05 0.66
C PHE C 139 -27.15 -15.30 1.32
N TYR C 140 -27.09 -16.40 2.07
CA TYR C 140 -25.87 -16.90 2.68
C TYR C 140 -26.08 -18.38 2.87
N PRO C 141 -25.08 -19.24 2.60
CA PRO C 141 -23.68 -19.03 2.20
C PRO C 141 -23.48 -18.61 0.75
N ARG C 142 -22.21 -18.37 0.41
CA ARG C 142 -21.86 -17.90 -0.93
C ARG C 142 -22.13 -18.95 -1.99
N GLU C 143 -22.03 -20.22 -1.64
CA GLU C 143 -22.14 -21.31 -2.60
C GLU C 143 -23.61 -21.48 -3.03
N ALA C 144 -23.91 -21.09 -4.26
CA ALA C 144 -25.22 -21.30 -4.86
C ALA C 144 -25.03 -21.70 -6.31
N LYS C 145 -26.00 -22.45 -6.84
CA LYS C 145 -25.92 -22.93 -8.21
C LYS C 145 -27.08 -22.36 -9.02
N VAL C 146 -26.77 -21.78 -10.17
CA VAL C 146 -27.76 -21.17 -11.05
C VAL C 146 -27.75 -21.94 -12.36
N GLN C 147 -28.86 -22.62 -12.67
CA GLN C 147 -29.01 -23.36 -13.91
C GLN C 147 -30.08 -22.70 -14.76
N TRP C 148 -29.76 -22.46 -16.03
CA TRP C 148 -30.70 -21.83 -16.93
C TRP C 148 -31.45 -22.89 -17.72
N LYS C 149 -32.78 -22.79 -17.76
CA LYS C 149 -33.63 -23.64 -18.58
C LYS C 149 -34.30 -22.79 -19.64
N VAL C 150 -34.17 -23.24 -20.89
CA VAL C 150 -34.79 -22.56 -22.03
C VAL C 150 -35.74 -23.58 -22.64
N ASP C 151 -36.96 -23.63 -22.11
CA ASP C 151 -37.92 -24.73 -22.31
C ASP C 151 -37.24 -26.09 -22.18
N ASN C 152 -36.54 -26.24 -21.04
CA ASN C 152 -35.68 -27.39 -20.73
C ASN C 152 -34.61 -27.60 -21.80
N ALA C 153 -33.68 -26.64 -21.89
CA ALA C 153 -32.52 -26.75 -22.76
C ALA C 153 -31.26 -26.86 -21.90
N LEU C 154 -30.37 -27.77 -22.28
CA LEU C 154 -29.17 -28.07 -21.52
C LEU C 154 -28.15 -26.96 -21.64
N GLN C 155 -28.40 -25.82 -20.98
CA GLN C 155 -27.51 -24.67 -21.12
C GLN C 155 -26.18 -24.92 -20.41
N SER C 156 -25.08 -24.57 -21.09
CA SER C 156 -23.73 -24.90 -20.63
C SER C 156 -22.80 -23.75 -20.99
N GLY C 157 -22.46 -22.93 -19.99
CA GLY C 157 -21.43 -21.93 -20.15
C GLY C 157 -21.83 -20.66 -20.87
N ASN C 158 -23.11 -20.50 -21.19
CA ASN C 158 -23.57 -19.31 -21.92
C ASN C 158 -23.85 -18.14 -21.02
N SER C 159 -23.52 -18.20 -19.74
CA SER C 159 -23.87 -17.16 -18.79
C SER C 159 -22.63 -16.71 -18.04
N GLN C 160 -22.73 -15.51 -17.46
CA GLN C 160 -21.66 -14.98 -16.62
C GLN C 160 -22.24 -14.56 -15.29
N GLU C 161 -21.54 -14.89 -14.21
CA GLU C 161 -22.01 -14.64 -12.86
C GLU C 161 -21.16 -13.57 -12.19
N SER C 162 -21.81 -12.69 -11.44
CA SER C 162 -21.13 -11.68 -10.65
C SER C 162 -21.70 -11.69 -9.25
N VAL C 163 -20.82 -11.76 -8.26
CA VAL C 163 -21.21 -11.80 -6.85
C VAL C 163 -20.68 -10.57 -6.17
N THR C 164 -21.55 -9.88 -5.42
CA THR C 164 -21.10 -8.78 -4.60
C THR C 164 -20.30 -9.29 -3.41
N GLU C 165 -19.57 -8.39 -2.78
CA GLU C 165 -18.88 -8.71 -1.54
C GLU C 165 -19.88 -8.84 -0.40
N GLN C 166 -19.43 -9.46 0.69
CA GLN C 166 -20.30 -9.67 1.84
C GLN C 166 -20.60 -8.35 2.51
N ASP C 167 -21.87 -8.11 2.80
CA ASP C 167 -22.32 -6.81 3.29
C ASP C 167 -21.87 -6.60 4.73
N SER C 168 -21.55 -5.36 5.07
CA SER C 168 -21.17 -5.05 6.45
C SER C 168 -22.38 -4.90 7.35
N LYS C 169 -23.58 -4.77 6.77
CA LYS C 169 -24.77 -4.55 7.58
C LYS C 169 -25.39 -5.86 8.06
N ASP C 170 -25.54 -6.84 7.17
CA ASP C 170 -26.23 -8.07 7.53
C ASP C 170 -25.53 -9.33 7.06
N SER C 171 -24.30 -9.23 6.52
CA SER C 171 -23.43 -10.33 6.14
C SER C 171 -24.04 -11.26 5.08
N THR C 172 -24.86 -10.72 4.18
CA THR C 172 -25.46 -11.50 3.12
C THR C 172 -24.83 -11.17 1.77
N TYR C 173 -24.88 -12.13 0.86
CA TYR C 173 -24.37 -11.97 -0.48
C TYR C 173 -25.49 -11.68 -1.47
N SER C 174 -25.10 -11.26 -2.67
CA SER C 174 -26.03 -11.08 -3.78
C SER C 174 -25.35 -11.54 -5.05
N LEU C 175 -26.09 -12.23 -5.90
CA LEU C 175 -25.53 -12.81 -7.11
C LEU C 175 -26.37 -12.38 -8.31
N SER C 176 -25.73 -12.18 -9.45
CA SER C 176 -26.41 -11.83 -10.68
C SER C 176 -25.85 -12.69 -11.80
N SER C 177 -26.72 -13.46 -12.44
CA SER C 177 -26.36 -14.28 -13.59
C SER C 177 -26.93 -13.65 -14.85
N THR C 178 -26.06 -13.37 -15.82
CA THR C 178 -26.45 -12.74 -17.07
C THR C 178 -26.34 -13.77 -18.18
N LEU C 179 -27.42 -13.98 -18.89
CA LEU C 179 -27.47 -14.89 -20.03
C LEU C 179 -27.63 -14.08 -21.31
N THR C 180 -26.72 -14.29 -22.26
CA THR C 180 -26.64 -13.46 -23.46
C THR C 180 -27.01 -14.28 -24.69
N LEU C 181 -27.83 -13.70 -25.56
CA LEU C 181 -28.31 -14.37 -26.76
C LEU C 181 -28.30 -13.39 -27.93
N SER C 182 -28.33 -13.94 -29.13
CA SER C 182 -28.56 -13.18 -30.34
C SER C 182 -30.06 -12.95 -30.50
N LYS C 183 -30.41 -11.85 -31.18
CA LYS C 183 -31.83 -11.45 -31.30
C LYS C 183 -32.65 -12.47 -32.09
N ALA C 184 -32.06 -13.04 -33.15
CA ALA C 184 -32.72 -14.10 -33.89
C ALA C 184 -32.59 -15.45 -33.21
N ASP C 185 -31.67 -15.56 -32.25
CA ASP C 185 -31.52 -16.75 -31.42
C ASP C 185 -32.22 -16.60 -30.07
N TYR C 186 -32.86 -15.45 -29.84
CA TYR C 186 -33.67 -15.14 -28.67
C TYR C 186 -35.12 -15.58 -28.83
N GLU C 187 -35.71 -15.32 -29.98
CA GLU C 187 -37.15 -15.40 -30.15
C GLU C 187 -37.61 -16.77 -30.65
N LYS C 188 -36.68 -17.70 -30.82
CA LYS C 188 -37.07 -19.06 -31.19
C LYS C 188 -37.61 -19.84 -30.00
N HIS C 189 -37.48 -19.32 -28.78
CA HIS C 189 -38.01 -19.96 -27.59
C HIS C 189 -38.95 -19.02 -26.86
N LYS C 190 -39.94 -19.59 -26.18
CA LYS C 190 -41.03 -18.84 -25.58
C LYS C 190 -40.79 -18.56 -24.09
N VAL C 191 -40.65 -19.60 -23.29
CA VAL C 191 -40.64 -19.50 -21.84
C VAL C 191 -39.22 -19.72 -21.34
N TYR C 192 -38.73 -18.80 -20.51
CA TYR C 192 -37.39 -18.89 -19.95
C TYR C 192 -37.50 -19.09 -18.45
N ALA C 193 -36.66 -19.97 -17.90
CA ALA C 193 -36.65 -20.23 -16.47
C ALA C 193 -35.23 -20.16 -15.92
N CYS C 194 -35.11 -19.59 -14.73
CA CYS C 194 -33.88 -19.61 -13.94
C CYS C 194 -34.15 -20.46 -12.73
N GLU C 195 -33.37 -21.54 -12.55
CA GLU C 195 -33.50 -22.42 -11.42
C GLU C 195 -32.29 -22.23 -10.51
N VAL C 196 -32.55 -22.06 -9.22
CA VAL C 196 -31.47 -21.84 -8.26
C VAL C 196 -31.52 -22.94 -7.20
N THR C 197 -30.35 -23.48 -6.88
CA THR C 197 -30.17 -24.48 -5.85
C THR C 197 -29.25 -23.89 -4.78
N HIS C 198 -29.74 -23.90 -3.54
CA HIS C 198 -29.04 -23.27 -2.42
C HIS C 198 -29.27 -24.13 -1.18
N GLN C 199 -28.42 -23.94 -0.17
CA GLN C 199 -28.55 -24.67 1.08
C GLN C 199 -29.84 -24.30 1.81
N GLY C 200 -30.22 -23.03 1.77
CA GLY C 200 -31.39 -22.54 2.46
C GLY C 200 -32.71 -22.85 1.80
N LEU C 201 -32.72 -23.57 0.69
CA LEU C 201 -33.94 -23.91 -0.02
C LEU C 201 -34.14 -25.43 0.01
N SER C 202 -35.34 -25.85 0.38
CA SER C 202 -35.67 -27.27 0.37
C SER C 202 -35.89 -27.80 -1.02
N SER C 203 -36.38 -26.97 -1.93
CA SER C 203 -36.54 -27.29 -3.34
C SER C 203 -35.89 -26.20 -4.16
N PRO C 204 -35.33 -26.53 -5.33
CA PRO C 204 -34.72 -25.48 -6.17
C PRO C 204 -35.77 -24.54 -6.72
N VAL C 205 -35.56 -23.24 -6.54
CA VAL C 205 -36.57 -22.26 -6.88
C VAL C 205 -36.47 -21.94 -8.37
N THR C 206 -37.58 -22.09 -9.09
CA THR C 206 -37.65 -21.81 -10.52
C THR C 206 -38.48 -20.55 -10.72
N LYS C 207 -37.88 -19.53 -11.32
CA LYS C 207 -38.59 -18.34 -11.74
C LYS C 207 -38.59 -18.24 -13.26
N SER C 208 -39.78 -18.10 -13.84
CA SER C 208 -39.94 -18.18 -15.28
C SER C 208 -40.74 -17.00 -15.78
N PHE C 209 -40.55 -16.69 -17.06
CA PHE C 209 -41.39 -15.71 -17.73
C PHE C 209 -41.64 -16.15 -19.17
N ASN C 210 -42.67 -15.57 -19.77
CA ASN C 210 -43.03 -15.81 -21.15
C ASN C 210 -42.58 -14.63 -22.01
N ARG C 211 -42.15 -14.94 -23.23
CA ARG C 211 -41.76 -13.90 -24.17
C ARG C 211 -42.96 -13.06 -24.60
N GLY C 212 -44.12 -13.69 -24.79
CA GLY C 212 -45.27 -13.03 -25.34
C GLY C 212 -45.98 -12.06 -24.42
N GLU C 213 -45.61 -12.02 -23.14
CA GLU C 213 -46.23 -11.11 -22.20
C GLU C 213 -45.15 -10.36 -21.42
#